data_5XLX
#
_entry.id   5XLX
#
_cell.length_a   36.237
_cell.length_b   78.392
_cell.length_c   140.808
_cell.angle_alpha   90.00
_cell.angle_beta   95.93
_cell.angle_gamma   90.00
#
_symmetry.space_group_name_H-M   'P 1 21 1'
#
loop_
_entity.id
_entity.type
_entity.pdbx_description
1 polymer 'Chemotaxis protein methyltransferase 1'
2 non-polymer S-ADENOSYL-L-HOMOCYSTEINE
3 water water
#
_entity_poly.entity_id   1
_entity_poly.type   'polypeptide(L)'
_entity_poly.pdbx_seq_one_letter_code
;MSAANADFELFRVFLEKTCGIVLGSNKQYLVSSRLNKLMEQQGIKSLGELVQRIQTQRGGLREMVVDAMTTNETLWFRDT
YPFEVLKQRVLPELIKANGGQRLRIWSAACSSGQEPYSLSMAIDEFEKTNLGQLKAGVQIVATDLSGSMLTAAKAGEYDT
LAMGRGLSPERLQRYFDAKGPGRWAVKPAIRSRVEFRALNLLDSYASLGKFDMVFCRNVLIYFSAEVKRDILLRIHGTLK
PGGYLFLGASEALNNLPDHYQMVQCSPGIIYRAKLEHHHHHH
;
_entity_poly.pdbx_strand_id   A,B,C,D
#
# COMPACT_ATOMS: atom_id res chain seq x y z
N THR A 74 28.81 -20.22 5.35
CA THR A 74 28.28 -20.98 6.49
C THR A 74 29.13 -22.22 6.74
N LEU A 75 28.93 -22.84 7.91
CA LEU A 75 29.66 -24.05 8.26
C LEU A 75 28.90 -24.78 9.35
N TRP A 76 29.33 -26.00 9.62
CA TRP A 76 28.70 -26.83 10.64
C TRP A 76 29.07 -26.35 12.03
N PHE A 77 28.08 -26.34 12.92
CA PHE A 77 28.29 -26.02 14.33
C PHE A 77 29.07 -24.72 14.52
N ARG A 78 28.64 -23.69 13.78
CA ARG A 78 29.38 -22.44 13.73
C ARG A 78 29.55 -21.85 15.13
N ASP A 79 30.80 -21.56 15.49
CA ASP A 79 31.26 -20.96 16.74
C ASP A 79 31.24 -21.92 17.92
N THR A 80 30.74 -23.15 17.76
CA THR A 80 30.78 -24.22 18.76
C THR A 80 29.82 -24.00 19.93
N TYR A 81 29.99 -22.90 20.66
CA TYR A 81 29.28 -22.74 21.92
C TYR A 81 27.76 -22.48 21.82
N PRO A 82 27.20 -21.97 20.71
CA PRO A 82 25.73 -21.86 20.66
C PRO A 82 25.04 -23.20 20.87
N PHE A 83 25.63 -24.27 20.34
CA PHE A 83 25.02 -25.58 20.42
C PHE A 83 25.34 -26.28 21.75
N GLU A 84 26.49 -26.00 22.34
CA GLU A 84 26.73 -26.46 23.71
C GLU A 84 25.79 -25.79 24.70
N VAL A 85 25.59 -24.48 24.56
CA VAL A 85 24.68 -23.75 25.42
C VAL A 85 23.26 -24.30 25.28
N LEU A 86 22.86 -24.59 24.05
CA LEU A 86 21.55 -25.19 23.79
C LEU A 86 21.37 -26.47 24.60
N LYS A 87 22.37 -27.35 24.58
CA LYS A 87 22.25 -28.63 25.25
C LYS A 87 22.43 -28.50 26.76
N GLN A 88 23.37 -27.67 27.20
CA GLN A 88 23.74 -27.62 28.61
C GLN A 88 22.84 -26.69 29.41
N ARG A 89 22.43 -25.57 28.81
CA ARG A 89 21.79 -24.49 29.54
C ARG A 89 20.34 -24.29 29.15
N VAL A 90 20.05 -24.09 27.87
CA VAL A 90 18.72 -23.66 27.47
C VAL A 90 17.71 -24.81 27.55
N LEU A 91 18.04 -25.95 26.95
CA LEU A 91 17.10 -27.07 26.92
C LEU A 91 16.66 -27.51 28.31
N PRO A 92 17.54 -27.73 29.29
CA PRO A 92 17.05 -28.12 30.62
C PRO A 92 16.13 -27.09 31.26
N GLU A 93 16.35 -25.81 31.01
CA GLU A 93 15.49 -24.78 31.60
C GLU A 93 14.09 -24.83 31.00
N LEU A 94 14.00 -24.90 29.67
CA LEU A 94 12.70 -24.89 29.02
C LEU A 94 11.93 -26.18 29.29
N ILE A 95 12.65 -27.31 29.36
CA ILE A 95 12.01 -28.59 29.63
C ILE A 95 11.43 -28.60 31.05
N LYS A 96 12.15 -28.02 32.01
CA LYS A 96 11.68 -28.00 33.39
C LYS A 96 10.38 -27.22 33.53
N ALA A 97 10.18 -26.19 32.69
CA ALA A 97 8.99 -25.36 32.82
C ALA A 97 7.77 -25.99 32.13
N ASN A 98 7.97 -26.63 30.98
CA ASN A 98 6.87 -27.15 30.19
C ASN A 98 6.63 -28.64 30.38
N GLY A 99 7.34 -29.26 31.32
CA GLY A 99 7.14 -30.68 31.56
C GLY A 99 7.62 -31.60 30.46
N GLY A 100 8.62 -31.17 29.69
CA GLY A 100 9.14 -31.97 28.61
C GLY A 100 8.29 -31.99 27.36
N GLN A 101 7.33 -31.10 27.22
CA GLN A 101 6.48 -31.07 26.04
C GLN A 101 7.27 -30.55 24.84
N ARG A 102 6.60 -30.47 23.69
CA ARG A 102 7.25 -30.18 22.43
C ARG A 102 7.82 -28.77 22.40
N LEU A 103 9.03 -28.63 21.90
CA LEU A 103 9.67 -27.34 21.70
C LEU A 103 9.80 -27.05 20.21
N ARG A 104 9.85 -25.76 19.87
CA ARG A 104 9.97 -25.32 18.50
C ARG A 104 11.13 -24.35 18.37
N ILE A 105 11.95 -24.54 17.34
CA ILE A 105 13.11 -23.70 17.08
C ILE A 105 13.00 -23.15 15.68
N TRP A 106 13.23 -21.84 15.53
CA TRP A 106 13.26 -21.18 14.24
C TRP A 106 14.71 -20.90 13.86
N SER A 107 15.15 -21.49 12.75
CA SER A 107 16.47 -21.19 12.18
C SER A 107 16.23 -20.21 11.03
N ALA A 108 16.40 -18.92 11.31
CA ALA A 108 16.14 -17.90 10.31
C ALA A 108 17.37 -17.70 9.43
N ALA A 109 17.13 -17.56 8.13
CA ALA A 109 18.19 -17.48 7.13
C ALA A 109 19.12 -18.69 7.21
N CYS A 110 18.55 -19.86 6.95
CA CYS A 110 19.23 -21.13 7.14
C CYS A 110 20.29 -21.43 6.07
N SER A 111 20.31 -20.67 4.98
CA SER A 111 21.32 -20.82 3.92
C SER A 111 21.25 -22.25 3.40
N SER A 112 22.38 -22.94 3.22
CA SER A 112 22.38 -24.29 2.67
C SER A 112 22.05 -25.38 3.69
N GLY A 113 21.67 -24.99 4.91
CA GLY A 113 21.14 -25.94 5.87
C GLY A 113 22.08 -26.37 6.97
N GLN A 114 23.33 -25.93 6.96
CA GLN A 114 24.28 -26.37 7.98
C GLN A 114 23.78 -26.04 9.39
N GLU A 115 23.21 -24.85 9.58
CA GLU A 115 22.75 -24.47 10.92
C GLU A 115 21.55 -25.30 11.38
N PRO A 116 20.46 -25.42 10.61
CA PRO A 116 19.34 -26.23 11.14
C PRO A 116 19.70 -27.69 11.36
N TYR A 117 20.53 -28.27 10.50
CA TYR A 117 20.94 -29.65 10.71
C TYR A 117 21.90 -29.78 11.89
N SER A 118 22.72 -28.76 12.12
CA SER A 118 23.53 -28.74 13.35
C SER A 118 22.64 -28.72 14.58
N LEU A 119 21.57 -27.92 14.53
CA LEU A 119 20.59 -27.92 15.62
C LEU A 119 19.96 -29.29 15.80
N SER A 120 19.64 -29.95 14.69
CA SER A 120 19.02 -31.28 14.79
C SER A 120 19.96 -32.29 15.42
N MET A 121 21.23 -32.27 15.03
CA MET A 121 22.21 -33.16 15.65
C MET A 121 22.35 -32.87 17.13
N ALA A 122 22.36 -31.59 17.50
CA ALA A 122 22.48 -31.21 18.91
C ALA A 122 21.32 -31.76 19.73
N ILE A 123 20.10 -31.67 19.20
CA ILE A 123 18.95 -32.20 19.91
C ILE A 123 19.03 -33.72 20.00
N ASP A 124 19.50 -34.37 18.93
CA ASP A 124 19.71 -35.81 18.98
C ASP A 124 20.71 -36.18 20.06
N GLU A 125 21.81 -35.43 20.17
CA GLU A 125 22.81 -35.71 21.19
C GLU A 125 22.22 -35.52 22.59
N PHE A 126 21.41 -34.47 22.77
CA PHE A 126 20.76 -34.25 24.05
C PHE A 126 19.77 -35.37 24.38
N GLU A 127 18.95 -35.77 23.40
CA GLU A 127 17.95 -36.80 23.64
C GLU A 127 18.60 -38.13 24.02
N LYS A 128 19.77 -38.43 23.44
CA LYS A 128 20.41 -39.70 23.73
C LYS A 128 21.05 -39.71 25.12
N THR A 129 21.57 -38.57 25.57
CA THR A 129 22.18 -38.49 26.89
C THR A 129 21.16 -38.25 28.00
N ASN A 130 19.92 -37.88 27.66
CA ASN A 130 18.88 -37.58 28.65
C ASN A 130 17.62 -38.36 28.31
N LEU A 131 17.69 -39.68 28.41
CA LEU A 131 16.51 -40.55 28.31
C LEU A 131 15.65 -40.37 29.55
N GLY A 132 14.44 -39.84 29.40
CA GLY A 132 13.93 -39.30 28.15
C GLY A 132 13.22 -37.99 28.47
N GLN A 133 13.99 -36.91 28.56
CA GLN A 133 13.48 -35.64 29.08
C GLN A 133 12.50 -34.99 28.12
N LEU A 134 12.79 -35.05 26.82
CA LEU A 134 11.89 -34.52 25.80
C LEU A 134 10.86 -35.59 25.46
N LYS A 135 9.61 -35.36 25.85
CA LYS A 135 8.56 -36.34 25.64
C LYS A 135 7.90 -36.24 24.27
N ALA A 136 8.09 -35.13 23.56
CA ALA A 136 7.45 -34.93 22.26
C ALA A 136 8.41 -34.42 21.20
N GLY A 137 9.71 -34.40 21.48
CA GLY A 137 10.68 -33.98 20.49
C GLY A 137 10.71 -32.47 20.29
N VAL A 138 11.50 -32.06 19.31
CA VAL A 138 11.71 -30.67 18.98
C VAL A 138 11.47 -30.49 17.48
N GLN A 139 10.64 -29.52 17.13
CA GLN A 139 10.43 -29.13 15.74
C GLN A 139 11.38 -27.99 15.39
N ILE A 140 12.08 -28.13 14.27
CA ILE A 140 12.93 -27.07 13.73
C ILE A 140 12.27 -26.55 12.46
N VAL A 141 12.00 -25.25 12.42
CA VAL A 141 11.52 -24.57 11.23
C VAL A 141 12.66 -23.73 10.68
N ALA A 142 13.12 -24.07 9.49
CA ALA A 142 14.25 -23.40 8.85
C ALA A 142 13.75 -22.64 7.63
N THR A 143 14.10 -21.36 7.55
CA THR A 143 13.56 -20.50 6.50
C THR A 143 14.67 -19.74 5.80
N ASP A 144 14.43 -19.44 4.54
CA ASP A 144 15.28 -18.58 3.72
C ASP A 144 14.48 -18.24 2.47
N LEU A 145 15.07 -17.40 1.61
CA LEU A 145 14.44 -17.11 0.33
C LEU A 145 14.40 -18.35 -0.54
N SER A 146 13.28 -18.53 -1.24
CA SER A 146 13.14 -19.70 -2.10
C SER A 146 14.12 -19.61 -3.27
N GLY A 147 14.48 -20.78 -3.80
CA GLY A 147 15.43 -20.86 -4.89
C GLY A 147 16.23 -22.15 -4.77
N SER A 148 17.37 -22.17 -5.46
CA SER A 148 18.20 -23.36 -5.53
C SER A 148 19.00 -23.59 -4.24
N MET A 149 19.32 -22.51 -3.51
CA MET A 149 20.04 -22.68 -2.24
C MET A 149 19.14 -23.33 -1.19
N LEU A 150 17.91 -22.83 -1.04
CA LEU A 150 16.96 -23.48 -0.14
C LEU A 150 16.59 -24.87 -0.64
N THR A 151 16.55 -25.07 -1.95
CA THR A 151 16.22 -26.37 -2.52
C THR A 151 17.29 -27.40 -2.15
N ALA A 152 18.56 -27.01 -2.20
CA ALA A 152 19.63 -27.95 -1.85
C ALA A 152 19.60 -28.27 -0.36
N ALA A 153 19.32 -27.27 0.47
CA ALA A 153 19.18 -27.52 1.91
C ALA A 153 18.10 -28.58 2.15
N LYS A 154 16.96 -28.46 1.49
CA LYS A 154 15.90 -29.46 1.60
C LYS A 154 16.40 -30.84 1.21
N ALA A 155 17.25 -30.92 0.18
CA ALA A 155 17.78 -32.20 -0.24
C ALA A 155 18.76 -32.78 0.78
N GLY A 156 19.36 -31.93 1.61
CA GLY A 156 20.19 -32.41 2.70
C GLY A 156 21.48 -33.09 2.29
N GLU A 157 21.98 -32.80 1.09
CA GLU A 157 23.21 -33.40 0.59
C GLU A 157 24.30 -32.34 0.48
N TYR A 158 25.55 -32.76 0.72
CA TYR A 158 26.69 -31.85 0.75
C TYR A 158 27.89 -32.52 0.12
N ASP A 159 28.76 -31.72 -0.49
CA ASP A 159 29.98 -32.23 -1.09
C ASP A 159 31.11 -32.27 -0.06
N THR A 160 32.26 -32.81 -0.46
CA THR A 160 33.35 -33.04 0.48
C THR A 160 33.82 -31.74 1.12
N LEU A 161 33.96 -30.68 0.32
CA LEU A 161 34.45 -29.41 0.86
C LEU A 161 33.53 -28.88 1.97
N ALA A 162 32.21 -28.95 1.75
CA ALA A 162 31.28 -28.49 2.76
C ALA A 162 31.32 -29.38 4.01
N MET A 163 31.65 -30.66 3.84
CA MET A 163 31.60 -31.60 4.94
C MET A 163 32.85 -31.57 5.82
N GLY A 164 33.93 -30.95 5.36
CA GLY A 164 35.15 -30.86 6.14
C GLY A 164 35.27 -29.61 6.98
N ARG A 165 34.24 -28.78 7.04
CA ARG A 165 34.29 -27.50 7.75
C ARG A 165 33.38 -27.57 8.97
N GLY A 166 33.99 -27.83 10.13
CA GLY A 166 33.30 -27.74 11.40
C GLY A 166 32.63 -29.01 11.88
N LEU A 167 32.81 -30.12 11.19
CA LEU A 167 32.17 -31.39 11.54
C LEU A 167 33.23 -32.34 12.08
N SER A 168 33.08 -32.74 13.35
CA SER A 168 33.97 -33.74 13.90
C SER A 168 33.79 -35.06 13.16
N PRO A 169 34.83 -35.90 13.11
CA PRO A 169 34.66 -37.22 12.48
C PRO A 169 33.60 -38.07 13.15
N GLU A 170 33.43 -37.95 14.47
CA GLU A 170 32.39 -38.70 15.15
C GLU A 170 31.00 -38.33 14.66
N ARG A 171 30.75 -37.03 14.46
CA ARG A 171 29.45 -36.62 13.95
C ARG A 171 29.28 -36.99 12.48
N LEU A 172 30.36 -36.97 11.71
CA LEU A 172 30.30 -37.39 10.32
C LEU A 172 29.83 -38.84 10.19
N GLN A 173 30.38 -39.73 11.03
CA GLN A 173 30.01 -41.14 10.92
C GLN A 173 28.69 -41.45 11.61
N ARG A 174 28.31 -40.68 12.63
CA ARG A 174 27.07 -40.98 13.34
C ARG A 174 25.85 -40.41 12.65
N TYR A 175 25.99 -39.33 11.88
CA TYR A 175 24.83 -38.57 11.43
C TYR A 175 24.74 -38.39 9.91
N PHE A 176 25.66 -38.96 9.13
CA PHE A 176 25.63 -38.77 7.69
C PHE A 176 25.78 -40.10 6.95
N ASP A 177 25.22 -40.14 5.74
CA ASP A 177 25.29 -41.29 4.85
C ASP A 177 26.09 -40.93 3.62
N ALA A 178 27.11 -41.73 3.30
CA ALA A 178 27.82 -41.57 2.04
C ALA A 178 26.91 -42.01 0.90
N LYS A 179 26.96 -41.28 -0.22
CA LYS A 179 26.08 -41.65 -1.33
C LYS A 179 26.76 -42.75 -2.18
N GLY A 180 27.68 -42.47 -3.11
CA GLY A 180 28.13 -41.18 -3.62
C GLY A 180 29.56 -40.78 -3.37
N PRO A 181 30.41 -40.88 -4.40
CA PRO A 181 31.75 -40.31 -4.29
C PRO A 181 31.66 -38.80 -4.11
N GLY A 182 32.23 -38.31 -3.01
CA GLY A 182 32.20 -36.89 -2.71
C GLY A 182 30.84 -36.34 -2.37
N ARG A 183 29.89 -37.18 -1.99
CA ARG A 183 28.53 -36.74 -1.66
C ARG A 183 28.09 -37.38 -0.37
N TRP A 184 27.55 -36.57 0.55
CA TRP A 184 27.12 -37.02 1.86
C TRP A 184 25.76 -36.41 2.16
N ALA A 185 24.91 -37.18 2.84
CA ALA A 185 23.56 -36.74 3.16
C ALA A 185 23.28 -36.96 4.65
N VAL A 186 22.56 -36.01 5.25
CA VAL A 186 22.13 -36.17 6.63
C VAL A 186 21.30 -37.44 6.75
N LYS A 187 21.47 -38.13 7.87
CA LYS A 187 20.69 -39.33 8.13
C LYS A 187 19.21 -38.97 8.32
N PRO A 188 18.31 -39.91 8.04
CA PRO A 188 16.87 -39.59 8.10
C PRO A 188 16.39 -39.08 9.45
N ALA A 189 16.94 -39.58 10.56
CA ALA A 189 16.54 -39.08 11.86
C ALA A 189 16.93 -37.61 12.05
N ILE A 190 18.06 -37.19 11.46
CA ILE A 190 18.45 -35.79 11.54
C ILE A 190 17.62 -34.94 10.59
N ARG A 191 17.32 -35.48 9.41
CA ARG A 191 16.56 -34.72 8.42
C ARG A 191 15.14 -34.44 8.88
N SER A 192 14.52 -35.40 9.57
CA SER A 192 13.09 -35.34 9.83
C SER A 192 12.69 -34.25 10.82
N ARG A 193 13.64 -33.75 11.62
CA ARG A 193 13.32 -32.69 12.58
C ARG A 193 13.15 -31.32 11.94
N VAL A 194 13.53 -31.16 10.68
CA VAL A 194 13.62 -29.85 10.04
C VAL A 194 12.56 -29.76 8.95
N GLU A 195 11.73 -28.72 9.01
CA GLU A 195 10.85 -28.36 7.91
C GLU A 195 11.34 -27.03 7.32
N PHE A 196 11.64 -27.04 6.03
CA PHE A 196 12.10 -25.84 5.34
C PHE A 196 10.92 -25.10 4.72
N ARG A 197 10.85 -23.80 4.96
CA ARG A 197 9.83 -22.94 4.38
C ARG A 197 10.50 -21.74 3.74
N ALA A 198 9.91 -21.28 2.63
CA ALA A 198 10.36 -20.05 2.00
C ALA A 198 9.81 -18.86 2.77
N LEU A 199 10.68 -17.91 3.11
CA LEU A 199 10.26 -16.76 3.90
C LEU A 199 11.26 -15.62 3.71
N ASN A 200 10.76 -14.45 3.35
CA ASN A 200 11.55 -13.23 3.29
C ASN A 200 11.48 -12.54 4.66
N LEU A 201 12.65 -12.22 5.21
CA LEU A 201 12.71 -11.64 6.55
C LEU A 201 12.03 -10.28 6.62
N LEU A 202 11.83 -9.61 5.48
CA LEU A 202 11.09 -8.35 5.44
C LEU A 202 9.59 -8.57 5.50
N ASP A 203 9.11 -9.81 5.30
CA ASP A 203 7.69 -10.11 5.31
C ASP A 203 7.24 -10.51 6.71
N SER A 204 5.94 -10.78 6.84
CA SER A 204 5.36 -11.14 8.12
C SER A 204 5.85 -12.50 8.58
N TYR A 205 5.98 -12.65 9.90
CA TYR A 205 6.35 -13.92 10.51
C TYR A 205 5.16 -14.67 11.08
N ALA A 206 3.93 -14.16 10.87
CA ALA A 206 2.77 -14.69 11.57
C ALA A 206 2.48 -16.14 11.20
N SER A 207 2.80 -16.54 9.98
CA SER A 207 2.56 -17.93 9.58
C SER A 207 3.48 -18.91 10.28
N LEU A 208 4.54 -18.44 10.96
CA LEU A 208 5.51 -19.34 11.56
C LEU A 208 5.08 -19.85 12.94
N GLY A 209 4.17 -19.15 13.61
CA GLY A 209 3.76 -19.56 14.95
C GLY A 209 4.67 -19.04 16.03
N LYS A 210 4.74 -19.75 17.16
CA LYS A 210 5.53 -19.35 18.31
C LYS A 210 6.71 -20.29 18.50
N PHE A 211 7.83 -19.73 18.96
CA PHE A 211 9.07 -20.48 19.10
C PHE A 211 9.61 -20.33 20.51
N ASP A 212 10.16 -21.43 21.04
CA ASP A 212 10.90 -21.36 22.29
C ASP A 212 12.29 -20.79 22.10
N MET A 213 12.86 -20.95 20.90
CA MET A 213 14.19 -20.46 20.59
C MET A 213 14.21 -19.99 19.14
N VAL A 214 14.95 -18.92 18.88
CA VAL A 214 15.16 -18.42 17.52
C VAL A 214 16.65 -18.26 17.29
N PHE A 215 17.13 -18.81 16.17
CA PHE A 215 18.48 -18.60 15.70
C PHE A 215 18.43 -17.67 14.50
N CYS A 216 19.06 -16.50 14.61
CA CYS A 216 19.11 -15.51 13.54
C CYS A 216 20.53 -14.95 13.53
N ARG A 217 21.45 -15.70 12.92
CA ARG A 217 22.88 -15.44 13.05
C ARG A 217 23.45 -14.97 11.72
N ASN A 218 24.18 -13.85 11.77
CA ASN A 218 24.98 -13.36 10.64
C ASN A 218 24.12 -13.05 9.42
N VAL A 219 22.93 -12.49 9.65
CA VAL A 219 22.09 -12.00 8.56
C VAL A 219 21.67 -10.56 8.84
N LEU A 220 21.49 -10.22 10.13
CA LEU A 220 21.13 -8.85 10.49
C LEU A 220 22.22 -7.85 10.09
N ILE A 221 23.45 -8.31 9.91
CA ILE A 221 24.58 -7.43 9.62
C ILE A 221 24.35 -6.66 8.32
N TYR A 222 23.61 -7.23 7.38
CA TYR A 222 23.49 -6.63 6.06
C TYR A 222 22.50 -5.46 6.00
N PHE A 223 21.65 -5.29 7.01
CA PHE A 223 20.55 -4.35 6.94
C PHE A 223 20.89 -3.04 7.63
N SER A 224 20.09 -2.02 7.34
CA SER A 224 20.20 -0.76 8.03
C SER A 224 19.81 -0.93 9.50
N ALA A 225 20.16 0.07 10.32
CA ALA A 225 19.86 0.00 11.73
C ALA A 225 18.35 -0.04 11.97
N GLU A 226 17.58 0.66 11.14
CA GLU A 226 16.13 0.68 11.32
C GLU A 226 15.51 -0.65 10.90
N VAL A 227 15.99 -1.24 9.81
CA VAL A 227 15.47 -2.53 9.37
C VAL A 227 15.89 -3.64 10.34
N LYS A 228 17.12 -3.58 10.83
CA LYS A 228 17.58 -4.54 11.83
C LYS A 228 16.71 -4.47 13.08
N ARG A 229 16.34 -3.26 13.50
CA ARG A 229 15.49 -3.13 14.69
C ARG A 229 14.09 -3.64 14.43
N ASP A 230 13.56 -3.41 13.22
CA ASP A 230 12.22 -3.91 12.91
C ASP A 230 12.20 -5.43 12.86
N ILE A 231 13.25 -6.06 12.33
CA ILE A 231 13.31 -7.52 12.31
C ILE A 231 13.39 -8.07 13.73
N LEU A 232 14.25 -7.47 14.57
CA LEU A 232 14.39 -7.95 15.93
C LEU A 232 13.10 -7.76 16.73
N LEU A 233 12.38 -6.67 16.47
CA LEU A 233 11.11 -6.44 17.15
C LEU A 233 10.07 -7.49 16.76
N ARG A 234 10.00 -7.82 15.46
CA ARG A 234 9.03 -8.81 15.02
C ARG A 234 9.47 -10.23 15.36
N ILE A 235 10.78 -10.49 15.44
CA ILE A 235 11.24 -11.77 15.98
C ILE A 235 10.74 -11.93 17.40
N HIS A 236 10.78 -10.84 18.19
CA HIS A 236 10.28 -10.90 19.57
C HIS A 236 8.82 -11.33 19.62
N GLY A 237 8.04 -10.98 18.59
CA GLY A 237 6.65 -11.40 18.54
C GLY A 237 6.45 -12.87 18.24
N THR A 238 7.48 -13.54 17.73
CA THR A 238 7.41 -14.99 17.50
C THR A 238 7.89 -15.80 18.69
N LEU A 239 8.59 -15.18 19.64
CA LEU A 239 9.16 -15.90 20.77
C LEU A 239 8.17 -15.99 21.92
N LYS A 240 8.10 -17.16 22.53
CA LYS A 240 7.40 -17.27 23.79
C LYS A 240 8.15 -16.44 24.84
N PRO A 241 7.45 -15.83 25.79
CA PRO A 241 8.14 -15.05 26.82
C PRO A 241 9.12 -15.94 27.59
N GLY A 242 10.32 -15.42 27.79
CA GLY A 242 11.37 -16.20 28.40
C GLY A 242 12.12 -17.11 27.46
N GLY A 243 11.70 -17.20 26.19
CA GLY A 243 12.49 -17.88 25.19
C GLY A 243 13.73 -17.08 24.83
N TYR A 244 14.60 -17.70 24.01
CA TYR A 244 15.93 -17.16 23.76
C TYR A 244 16.18 -16.93 22.28
N LEU A 245 16.88 -15.83 21.99
CA LEU A 245 17.34 -15.50 20.64
C LEU A 245 18.86 -15.64 20.58
N PHE A 246 19.35 -16.35 19.56
CA PHE A 246 20.77 -16.50 19.30
C PHE A 246 21.13 -15.68 18.08
N LEU A 247 22.06 -14.74 18.23
CA LEU A 247 22.57 -13.95 17.12
C LEU A 247 23.95 -14.47 16.72
N GLY A 248 24.54 -13.83 15.71
CA GLY A 248 25.92 -14.10 15.37
C GLY A 248 26.86 -13.72 16.50
N ALA A 249 28.05 -14.32 16.47
CA ALA A 249 28.99 -14.18 17.59
C ALA A 249 29.39 -12.73 17.83
N SER A 250 29.48 -11.92 16.76
CA SER A 250 29.91 -10.53 16.88
C SER A 250 28.77 -9.55 16.59
N GLU A 251 27.53 -10.00 16.63
CA GLU A 251 26.39 -9.14 16.37
C GLU A 251 25.82 -8.60 17.68
N ALA A 252 25.61 -7.30 17.74
CA ALA A 252 25.01 -6.67 18.90
C ALA A 252 23.51 -6.51 18.69
N LEU A 253 22.79 -6.39 19.81
CA LEU A 253 21.35 -6.17 19.81
C LEU A 253 21.12 -4.77 20.38
N ASN A 254 20.84 -3.82 19.49
CA ASN A 254 20.81 -2.41 19.86
C ASN A 254 19.38 -1.89 19.95
N ASN A 255 19.15 -1.02 20.93
CA ASN A 255 17.97 -0.15 21.00
C ASN A 255 16.68 -0.92 21.26
N LEU A 256 16.75 -2.07 21.91
CA LEU A 256 15.57 -2.79 22.36
C LEU A 256 15.75 -3.26 23.80
N PRO A 257 16.02 -2.33 24.72
CA PRO A 257 16.33 -2.74 26.10
C PRO A 257 15.14 -3.29 26.86
N ASP A 258 13.92 -2.97 26.44
CA ASP A 258 12.73 -3.47 27.10
C ASP A 258 12.22 -4.77 26.48
N HIS A 259 12.85 -5.25 25.41
CA HIS A 259 12.41 -6.46 24.73
C HIS A 259 13.33 -7.65 24.91
N TYR A 260 14.63 -7.42 25.10
CA TYR A 260 15.60 -8.50 25.23
C TYR A 260 16.53 -8.24 26.40
N GLN A 261 16.85 -9.30 27.13
CA GLN A 261 17.82 -9.27 28.21
C GLN A 261 19.05 -10.05 27.77
N MET A 262 20.21 -9.39 27.81
CA MET A 262 21.46 -10.05 27.48
C MET A 262 21.82 -11.04 28.58
N VAL A 263 22.15 -12.28 28.19
CA VAL A 263 22.46 -13.35 29.13
C VAL A 263 23.85 -13.90 28.80
N GLN A 264 24.74 -13.90 29.80
CA GLN A 264 26.09 -14.42 29.62
C GLN A 264 26.10 -15.94 29.78
N CYS A 265 26.78 -16.62 28.86
CA CYS A 265 26.88 -18.07 28.90
C CYS A 265 28.29 -18.59 29.17
N SER A 266 29.31 -17.73 29.04
CA SER A 266 30.70 -18.03 29.39
C SER A 266 31.18 -19.34 28.78
N PRO A 267 31.47 -19.38 27.48
CA PRO A 267 31.42 -18.24 26.56
C PRO A 267 30.07 -18.09 25.87
N GLY A 268 29.88 -16.96 25.20
CA GLY A 268 28.70 -16.76 24.40
C GLY A 268 27.67 -15.88 25.09
N ILE A 269 26.80 -15.29 24.26
CA ILE A 269 25.72 -14.43 24.71
C ILE A 269 24.44 -14.88 24.04
N ILE A 270 23.35 -14.98 24.82
CA ILE A 270 22.02 -15.20 24.30
C ILE A 270 21.13 -14.10 24.85
N TYR A 271 19.96 -13.94 24.23
CA TYR A 271 19.05 -12.83 24.55
C TYR A 271 17.69 -13.38 24.90
N ARG A 272 17.28 -13.18 26.15
CA ARG A 272 15.99 -13.67 26.63
C ARG A 272 14.88 -12.69 26.25
N ALA A 273 13.77 -13.24 25.76
CA ALA A 273 12.63 -12.42 25.37
C ALA A 273 11.88 -11.97 26.63
N LYS A 274 11.92 -10.68 26.92
CA LYS A 274 11.19 -10.12 28.06
C LYS A 274 9.71 -9.96 27.71
N THR B 74 5.33 0.95 -4.63
CA THR B 74 5.64 1.23 -6.03
C THR B 74 4.39 1.71 -6.76
N LEU B 75 4.59 2.39 -7.88
CA LEU B 75 3.48 2.84 -8.71
C LEU B 75 3.99 3.11 -10.11
N TRP B 76 3.05 3.37 -11.02
CA TRP B 76 3.39 3.58 -12.42
C TRP B 76 4.10 4.92 -12.60
N PHE B 77 5.16 4.88 -13.40
CA PHE B 77 5.93 6.08 -13.75
C PHE B 77 6.25 6.91 -12.51
N ARG B 78 6.80 6.22 -11.50
CA ARG B 78 7.04 6.84 -10.20
C ARG B 78 7.95 8.06 -10.34
N ASP B 79 7.49 9.18 -9.79
CA ASP B 79 8.14 10.50 -9.78
C ASP B 79 8.11 11.17 -11.14
N THR B 80 7.56 10.53 -12.17
CA THR B 80 7.33 11.11 -13.50
C THR B 80 8.60 11.43 -14.25
N TYR B 81 9.44 12.32 -13.72
CA TYR B 81 10.56 12.86 -14.51
C TYR B 81 11.67 11.86 -14.85
N PRO B 82 11.93 10.80 -14.07
CA PRO B 82 12.95 9.84 -14.53
C PRO B 82 12.65 9.23 -15.88
N PHE B 83 11.38 9.03 -16.21
CA PHE B 83 11.02 8.43 -17.49
C PHE B 83 11.00 9.46 -18.61
N GLU B 84 10.76 10.73 -18.28
CA GLU B 84 10.91 11.78 -19.28
C GLU B 84 12.38 12.06 -19.56
N VAL B 85 13.22 12.02 -18.53
CA VAL B 85 14.66 12.17 -18.73
C VAL B 85 15.20 11.04 -19.59
N LEU B 86 14.66 9.83 -19.42
CA LEU B 86 15.07 8.70 -20.23
C LEU B 86 14.76 8.94 -21.70
N LYS B 87 13.57 9.47 -22.01
CA LYS B 87 13.16 9.65 -23.39
C LYS B 87 13.83 10.86 -24.04
N GLN B 88 14.08 11.92 -23.29
CA GLN B 88 14.54 13.17 -23.88
C GLN B 88 16.05 13.31 -23.91
N ARG B 89 16.76 12.72 -22.95
CA ARG B 89 18.20 12.90 -22.85
C ARG B 89 18.98 11.59 -22.89
N VAL B 90 18.58 10.60 -22.09
CA VAL B 90 19.42 9.41 -21.91
C VAL B 90 19.39 8.55 -23.16
N LEU B 91 18.20 8.24 -23.68
CA LEU B 91 18.11 7.42 -24.89
C LEU B 91 18.86 8.03 -26.07
N PRO B 92 18.68 9.31 -26.44
CA PRO B 92 19.44 9.83 -27.58
C PRO B 92 20.94 9.80 -27.38
N GLU B 93 21.42 10.12 -26.17
CA GLU B 93 22.86 10.12 -25.95
C GLU B 93 23.44 8.71 -26.05
N LEU B 94 22.75 7.72 -25.49
CA LEU B 94 23.25 6.35 -25.57
C LEU B 94 23.16 5.80 -26.99
N ILE B 95 22.15 6.22 -27.75
CA ILE B 95 22.04 5.79 -29.14
C ILE B 95 23.24 6.28 -29.94
N LYS B 96 23.59 7.55 -29.79
CA LYS B 96 24.81 8.07 -30.41
C LYS B 96 26.05 7.42 -29.81
N ALA B 97 25.98 6.99 -28.54
CA ALA B 97 27.13 6.41 -27.87
C ALA B 97 27.38 4.96 -28.29
N ASN B 98 26.44 4.30 -28.96
CA ASN B 98 26.63 2.93 -29.38
C ASN B 98 26.25 2.66 -30.83
N GLY B 99 25.73 3.66 -31.54
CA GLY B 99 25.36 3.50 -32.93
C GLY B 99 23.97 2.95 -33.16
N GLY B 100 23.10 2.93 -32.15
CA GLY B 100 21.76 2.44 -32.31
C GLY B 100 21.58 0.94 -32.11
N GLN B 101 22.62 0.25 -31.67
CA GLN B 101 22.54 -1.20 -31.48
C GLN B 101 21.67 -1.51 -30.26
N ARG B 102 21.65 -2.79 -29.88
CA ARG B 102 20.75 -3.26 -28.83
C ARG B 102 21.08 -2.61 -27.49
N LEU B 103 20.05 -2.07 -26.83
CA LEU B 103 20.18 -1.51 -25.51
C LEU B 103 19.63 -2.49 -24.47
N ARG B 104 20.26 -2.53 -23.30
CA ARG B 104 19.81 -3.38 -22.22
C ARG B 104 19.62 -2.55 -20.97
N ILE B 105 18.51 -2.77 -20.27
CA ILE B 105 18.15 -2.03 -19.07
C ILE B 105 17.92 -3.03 -17.95
N TRP B 106 18.48 -2.74 -16.78
CA TRP B 106 18.26 -3.54 -15.58
C TRP B 106 17.33 -2.76 -14.66
N SER B 107 16.16 -3.33 -14.40
CA SER B 107 15.24 -2.81 -13.39
C SER B 107 15.46 -3.65 -12.13
N ALA B 108 16.30 -3.15 -11.23
CA ALA B 108 16.62 -3.87 -10.01
C ALA B 108 15.58 -3.54 -8.94
N ALA B 109 15.14 -4.58 -8.23
CA ALA B 109 14.05 -4.47 -7.26
C ALA B 109 12.77 -3.95 -7.93
N CYS B 110 12.28 -4.74 -8.89
CA CYS B 110 11.13 -4.36 -9.69
C CYS B 110 9.81 -4.45 -8.95
N SER B 111 9.78 -5.09 -7.79
CA SER B 111 8.56 -5.21 -6.96
C SER B 111 7.45 -5.80 -7.83
N SER B 112 6.24 -5.23 -7.83
CA SER B 112 5.11 -5.80 -8.56
C SER B 112 5.13 -5.47 -10.05
N GLY B 113 6.20 -4.90 -10.57
CA GLY B 113 6.40 -4.77 -12.00
C GLY B 113 6.06 -3.41 -12.60
N GLN B 114 5.51 -2.49 -11.79
CA GLN B 114 5.15 -1.18 -12.34
C GLN B 114 6.36 -0.50 -13.00
N GLU B 115 7.52 -0.58 -12.37
CA GLU B 115 8.68 0.13 -12.91
C GLU B 115 9.17 -0.44 -14.24
N PRO B 116 9.43 -1.75 -14.38
CA PRO B 116 9.88 -2.24 -15.70
C PRO B 116 8.83 -2.11 -16.79
N TYR B 117 7.55 -2.25 -16.47
CA TYR B 117 6.52 -2.04 -17.48
C TYR B 117 6.40 -0.58 -17.87
N SER B 118 6.61 0.34 -16.92
CA SER B 118 6.68 1.76 -17.25
C SER B 118 7.86 2.03 -18.18
N LEU B 119 8.99 1.38 -17.92
CA LEU B 119 10.15 1.54 -18.79
C LEU B 119 9.84 1.05 -20.20
N SER B 120 9.20 -0.12 -20.32
CA SER B 120 8.86 -0.65 -21.63
C SER B 120 7.87 0.27 -22.34
N MET B 121 6.93 0.86 -21.60
CA MET B 121 6.02 1.82 -22.20
C MET B 121 6.77 3.06 -22.68
N ALA B 122 7.72 3.54 -21.89
CA ALA B 122 8.47 4.73 -22.27
C ALA B 122 9.32 4.47 -23.51
N ILE B 123 9.86 3.26 -23.65
CA ILE B 123 10.62 2.91 -24.84
C ILE B 123 9.71 2.90 -26.06
N ASP B 124 8.50 2.36 -25.92
CA ASP B 124 7.53 2.39 -27.02
C ASP B 124 7.21 3.83 -27.42
N GLU B 125 6.98 4.70 -26.44
CA GLU B 125 6.70 6.10 -26.74
C GLU B 125 7.89 6.75 -27.45
N PHE B 126 9.11 6.38 -27.05
CA PHE B 126 10.29 6.89 -27.75
C PHE B 126 10.34 6.38 -29.18
N GLU B 127 9.94 5.12 -29.40
CA GLU B 127 10.05 4.54 -30.73
C GLU B 127 8.98 5.08 -31.68
N LYS B 128 7.82 5.49 -31.14
CA LYS B 128 6.79 6.09 -31.98
C LYS B 128 7.16 7.50 -32.41
N THR B 129 8.06 8.18 -31.70
CA THR B 129 8.51 9.52 -32.06
C THR B 129 9.82 9.49 -32.86
N ASN B 130 10.74 8.60 -32.51
CA ASN B 130 12.00 8.43 -33.24
C ASN B 130 11.85 7.19 -34.13
N LEU B 131 11.50 7.42 -35.39
CA LEU B 131 11.19 6.34 -36.33
C LEU B 131 12.33 5.35 -36.48
N GLY B 132 12.27 4.29 -35.68
CA GLY B 132 13.25 3.22 -35.72
C GLY B 132 14.68 3.70 -35.60
N GLN B 133 14.94 4.68 -34.74
CA GLN B 133 16.30 5.06 -34.43
C GLN B 133 16.96 4.07 -33.49
N LEU B 134 16.17 3.20 -32.85
CA LEU B 134 16.69 2.04 -32.14
C LEU B 134 16.68 0.87 -33.12
N LYS B 135 17.87 0.40 -33.49
CA LYS B 135 17.97 -0.59 -34.55
C LYS B 135 17.47 -1.96 -34.10
N ALA B 136 18.04 -2.49 -33.03
CA ALA B 136 17.80 -3.87 -32.60
C ALA B 136 17.05 -3.94 -31.27
N GLY B 137 16.14 -3.01 -31.03
CA GLY B 137 15.28 -3.07 -29.86
C GLY B 137 16.03 -2.87 -28.54
N VAL B 138 15.27 -2.98 -27.46
CA VAL B 138 15.79 -2.81 -26.11
C VAL B 138 15.37 -4.01 -25.27
N GLN B 139 16.29 -4.54 -24.48
CA GLN B 139 16.01 -5.62 -23.54
C GLN B 139 15.92 -5.06 -22.13
N ILE B 140 14.85 -5.40 -21.42
CA ILE B 140 14.68 -5.01 -20.02
C ILE B 140 14.74 -6.29 -19.18
N VAL B 141 15.64 -6.31 -18.21
CA VAL B 141 15.75 -7.39 -17.23
C VAL B 141 15.26 -6.83 -15.90
N ALA B 142 14.22 -7.45 -15.35
CA ALA B 142 13.60 -7.02 -14.10
C ALA B 142 13.85 -8.08 -13.04
N THR B 143 14.44 -7.68 -11.91
CA THR B 143 14.81 -8.61 -10.86
C THR B 143 14.25 -8.18 -9.52
N ASP B 144 14.00 -9.15 -8.65
CA ASP B 144 13.61 -8.93 -7.27
C ASP B 144 13.75 -10.26 -6.53
N LEU B 145 13.49 -10.23 -5.23
CA LEU B 145 13.49 -11.47 -4.46
C LEU B 145 12.32 -12.35 -4.86
N SER B 146 12.54 -13.67 -4.81
CA SER B 146 11.46 -14.60 -5.11
C SER B 146 10.34 -14.45 -4.09
N GLY B 147 9.11 -14.57 -4.56
CA GLY B 147 7.96 -14.41 -3.70
C GLY B 147 6.74 -13.99 -4.49
N SER B 148 5.67 -13.72 -3.74
CA SER B 148 4.37 -13.46 -4.37
C SER B 148 4.39 -12.20 -5.22
N MET B 149 5.21 -11.21 -4.85
CA MET B 149 5.23 -9.95 -5.57
C MET B 149 5.94 -10.08 -6.91
N LEU B 150 7.06 -10.81 -6.94
CA LEU B 150 7.72 -11.07 -8.21
C LEU B 150 6.87 -11.92 -9.14
N THR B 151 6.10 -12.87 -8.57
CA THR B 151 5.23 -13.68 -9.41
C THR B 151 4.06 -12.88 -9.94
N ALA B 152 3.55 -11.91 -9.16
CA ALA B 152 2.50 -11.05 -9.67
C ALA B 152 3.01 -10.15 -10.79
N ALA B 153 4.29 -9.76 -10.74
CA ALA B 153 4.86 -8.91 -11.78
C ALA B 153 4.88 -9.64 -13.13
N LYS B 154 5.31 -10.91 -13.13
CA LYS B 154 5.38 -11.67 -14.37
C LYS B 154 4.01 -11.80 -15.02
N ALA B 155 2.95 -11.95 -14.22
CA ALA B 155 1.60 -12.03 -14.77
C ALA B 155 1.22 -10.74 -15.49
N GLY B 156 1.57 -9.60 -14.91
CA GLY B 156 1.29 -8.32 -15.53
C GLY B 156 -0.13 -7.82 -15.36
N GLU B 157 -0.85 -8.30 -14.35
CA GLU B 157 -2.24 -7.94 -14.12
C GLU B 157 -2.38 -7.12 -12.85
N TYR B 158 -3.24 -6.09 -12.91
CA TYR B 158 -3.35 -5.12 -11.83
C TYR B 158 -4.82 -4.76 -11.62
N ASP B 159 -5.16 -4.44 -10.36
CA ASP B 159 -6.53 -4.13 -9.99
C ASP B 159 -6.78 -2.62 -10.10
N THR B 160 -8.00 -2.21 -9.77
CA THR B 160 -8.39 -0.81 -9.94
C THR B 160 -7.53 0.13 -9.10
N LEU B 161 -7.25 -0.26 -7.85
CA LEU B 161 -6.45 0.58 -6.98
C LEU B 161 -5.05 0.80 -7.56
N ALA B 162 -4.44 -0.27 -8.09
CA ALA B 162 -3.10 -0.12 -8.67
C ALA B 162 -3.13 0.65 -9.99
N MET B 163 -4.23 0.55 -10.74
CA MET B 163 -4.35 1.24 -12.01
C MET B 163 -4.70 2.71 -11.86
N GLY B 164 -5.20 3.11 -10.69
CA GLY B 164 -5.63 4.47 -10.47
C GLY B 164 -4.55 5.43 -10.01
N ARG B 165 -3.29 5.01 -9.97
CA ARG B 165 -2.20 5.85 -9.49
C ARG B 165 -1.14 5.97 -10.58
N GLY B 166 -1.01 7.18 -11.14
CA GLY B 166 0.12 7.52 -11.98
C GLY B 166 0.00 7.13 -13.43
N LEU B 167 -1.15 6.66 -13.89
CA LEU B 167 -1.35 6.25 -15.28
C LEU B 167 -2.32 7.18 -15.96
N SER B 168 -1.87 7.82 -17.05
CA SER B 168 -2.72 8.72 -17.82
C SER B 168 -3.74 7.93 -18.62
N PRO B 169 -4.85 8.57 -19.00
CA PRO B 169 -5.84 7.85 -19.83
C PRO B 169 -5.28 7.40 -21.17
N GLU B 170 -4.30 8.12 -21.72
CA GLU B 170 -3.69 7.71 -22.97
C GLU B 170 -2.91 6.42 -22.81
N ARG B 171 -2.12 6.30 -21.73
CA ARG B 171 -1.32 5.10 -21.51
C ARG B 171 -2.18 3.91 -21.12
N LEU B 172 -3.29 4.15 -20.40
CA LEU B 172 -4.19 3.07 -20.06
C LEU B 172 -4.76 2.41 -21.32
N GLN B 173 -5.15 3.22 -22.30
CA GLN B 173 -5.77 2.68 -23.52
C GLN B 173 -4.73 2.02 -24.42
N ARG B 174 -3.56 2.65 -24.57
CA ARG B 174 -2.58 2.18 -25.54
C ARG B 174 -1.78 0.97 -25.07
N TYR B 175 -1.69 0.73 -23.76
CA TYR B 175 -0.77 -0.29 -23.26
C TYR B 175 -1.40 -1.32 -22.34
N PHE B 176 -2.71 -1.28 -22.13
CA PHE B 176 -3.37 -2.23 -21.24
C PHE B 176 -4.58 -2.84 -21.93
N ASP B 177 -4.91 -4.06 -21.54
CA ASP B 177 -6.13 -4.73 -21.95
C ASP B 177 -7.03 -4.91 -20.75
N ALA B 178 -8.30 -4.53 -20.89
CA ALA B 178 -9.26 -4.75 -19.82
C ALA B 178 -9.53 -6.25 -19.69
N LYS B 179 -9.49 -6.75 -18.46
CA LYS B 179 -9.78 -8.16 -18.22
C LYS B 179 -11.07 -8.30 -17.43
N GLY B 180 -10.99 -8.90 -16.25
CA GLY B 180 -12.14 -9.03 -15.39
C GLY B 180 -12.61 -7.69 -14.87
N PRO B 181 -13.76 -7.66 -14.20
CA PRO B 181 -14.25 -6.39 -13.63
C PRO B 181 -13.27 -5.85 -12.60
N GLY B 182 -12.73 -4.68 -12.89
CA GLY B 182 -11.70 -4.11 -12.04
C GLY B 182 -10.34 -4.74 -12.23
N ARG B 183 -10.04 -5.26 -13.42
CA ARG B 183 -8.77 -5.91 -13.68
C ARG B 183 -8.23 -5.46 -15.03
N TRP B 184 -6.95 -5.10 -15.06
CA TRP B 184 -6.27 -4.73 -16.29
C TRP B 184 -4.96 -5.52 -16.38
N ALA B 185 -4.50 -5.74 -17.61
CA ALA B 185 -3.27 -6.47 -17.86
C ALA B 185 -2.44 -5.70 -18.88
N VAL B 186 -1.13 -5.59 -18.63
CA VAL B 186 -0.24 -4.96 -19.59
C VAL B 186 -0.27 -5.74 -20.89
N LYS B 187 -0.37 -5.03 -22.01
CA LYS B 187 -0.47 -5.67 -23.31
C LYS B 187 0.77 -6.52 -23.60
N PRO B 188 0.61 -7.60 -24.35
CA PRO B 188 1.79 -8.43 -24.70
C PRO B 188 2.87 -7.66 -25.44
N ALA B 189 2.51 -6.63 -26.20
CA ALA B 189 3.52 -5.83 -26.91
C ALA B 189 4.49 -5.18 -25.94
N ILE B 190 4.08 -4.97 -24.70
CA ILE B 190 4.87 -4.26 -23.71
C ILE B 190 5.56 -5.25 -22.79
N ARG B 191 4.87 -6.38 -22.49
CA ARG B 191 5.44 -7.37 -21.60
C ARG B 191 6.60 -8.14 -22.23
N SER B 192 6.57 -8.33 -23.55
CA SER B 192 7.56 -9.20 -24.19
C SER B 192 8.98 -8.65 -24.06
N ARG B 193 9.13 -7.35 -23.86
CA ARG B 193 10.44 -6.73 -23.72
C ARG B 193 11.05 -6.93 -22.35
N VAL B 194 10.31 -7.48 -21.40
CA VAL B 194 10.74 -7.58 -20.01
C VAL B 194 10.93 -9.04 -19.66
N GLU B 195 12.12 -9.38 -19.18
CA GLU B 195 12.41 -10.69 -18.63
C GLU B 195 12.57 -10.55 -17.12
N PHE B 196 11.86 -11.39 -16.37
CA PHE B 196 11.88 -11.36 -14.91
C PHE B 196 12.79 -12.46 -14.39
N ARG B 197 13.64 -12.12 -13.42
CA ARG B 197 14.54 -13.08 -12.81
C ARG B 197 14.59 -12.85 -11.30
N ALA B 198 14.64 -13.93 -10.54
CA ALA B 198 14.80 -13.82 -9.10
C ALA B 198 16.28 -13.60 -8.79
N LEU B 199 16.57 -12.55 -8.02
CA LEU B 199 17.97 -12.24 -7.71
C LEU B 199 18.02 -11.44 -6.42
N ASN B 200 18.80 -11.92 -5.45
CA ASN B 200 19.14 -11.14 -4.28
C ASN B 200 20.25 -10.15 -4.64
N LEU B 201 20.03 -8.89 -4.31
CA LEU B 201 21.07 -7.88 -4.58
C LEU B 201 22.35 -8.16 -3.82
N LEU B 202 22.29 -8.99 -2.77
CA LEU B 202 23.49 -9.42 -2.06
C LEU B 202 24.31 -10.44 -2.85
N ASP B 203 23.75 -11.04 -3.90
CA ASP B 203 24.43 -12.08 -4.65
C ASP B 203 25.15 -11.48 -5.85
N SER B 204 25.87 -12.34 -6.59
CA SER B 204 26.68 -11.89 -7.70
C SER B 204 25.82 -11.46 -8.88
N TYR B 205 26.29 -10.43 -9.60
CA TYR B 205 25.61 -9.92 -10.77
C TYR B 205 26.21 -10.43 -12.07
N ALA B 206 27.15 -11.38 -11.99
CA ALA B 206 27.90 -11.80 -13.17
C ALA B 206 27.00 -12.38 -14.25
N SER B 207 25.94 -13.09 -13.86
CA SER B 207 25.07 -13.73 -14.84
C SER B 207 24.17 -12.76 -15.56
N LEU B 208 24.13 -11.48 -15.16
CA LEU B 208 23.22 -10.52 -15.76
C LEU B 208 23.77 -9.88 -17.04
N GLY B 209 25.08 -9.95 -17.26
CA GLY B 209 25.65 -9.31 -18.43
C GLY B 209 25.92 -7.83 -18.20
N LYS B 210 25.82 -7.06 -19.28
CA LYS B 210 26.14 -5.64 -19.29
C LYS B 210 24.90 -4.84 -19.65
N PHE B 211 24.75 -3.69 -18.99
CA PHE B 211 23.59 -2.83 -19.19
C PHE B 211 24.03 -1.43 -19.58
N ASP B 212 23.28 -0.82 -20.49
CA ASP B 212 23.45 0.60 -20.77
C ASP B 212 22.80 1.48 -19.70
N MET B 213 21.84 0.95 -18.94
CA MET B 213 21.12 1.70 -17.93
C MET B 213 20.69 0.75 -16.83
N VAL B 214 20.76 1.22 -15.59
CA VAL B 214 20.31 0.47 -14.42
C VAL B 214 19.38 1.34 -13.61
N PHE B 215 18.19 0.83 -13.32
CA PHE B 215 17.25 1.47 -12.39
C PHE B 215 17.30 0.69 -11.08
N CYS B 216 17.76 1.34 -10.02
CA CYS B 216 17.89 0.74 -8.69
C CYS B 216 17.29 1.76 -7.72
N ARG B 217 15.97 1.77 -7.63
CA ARG B 217 15.24 2.84 -6.96
C ARG B 217 14.57 2.34 -5.69
N ASN B 218 14.81 3.04 -4.59
CA ASN B 218 14.09 2.85 -3.33
C ASN B 218 14.30 1.45 -2.75
N VAL B 219 15.50 0.90 -2.91
CA VAL B 219 15.83 -0.40 -2.34
C VAL B 219 17.11 -0.31 -1.51
N LEU B 220 18.02 0.59 -1.91
CA LEU B 220 19.29 0.72 -1.20
C LEU B 220 19.10 1.14 0.26
N ILE B 221 17.99 1.81 0.58
CA ILE B 221 17.73 2.27 1.93
C ILE B 221 17.59 1.12 2.92
N TYR B 222 17.37 -0.10 2.43
CA TYR B 222 17.19 -1.25 3.31
C TYR B 222 18.48 -1.75 3.93
N PHE B 223 19.63 -1.39 3.39
CA PHE B 223 20.89 -2.04 3.71
C PHE B 223 21.78 -1.17 4.58
N SER B 224 22.82 -1.78 5.12
CA SER B 224 23.86 -1.05 5.82
C SER B 224 24.64 -0.17 4.84
N ALA B 225 25.36 0.81 5.39
CA ALA B 225 26.17 1.68 4.54
C ALA B 225 27.23 0.90 3.79
N GLU B 226 27.76 -0.17 4.39
CA GLU B 226 28.79 -0.96 3.74
C GLU B 226 28.22 -1.83 2.63
N VAL B 227 27.02 -2.37 2.84
CA VAL B 227 26.38 -3.17 1.79
C VAL B 227 25.94 -2.27 0.65
N LYS B 228 25.42 -1.08 0.95
CA LYS B 228 24.98 -0.17 -0.09
C LYS B 228 26.13 0.20 -1.02
N ARG B 229 27.31 0.49 -0.45
CA ARG B 229 28.45 0.84 -1.29
C ARG B 229 28.91 -0.36 -2.12
N ASP B 230 28.90 -1.56 -1.54
CA ASP B 230 29.29 -2.75 -2.30
C ASP B 230 28.33 -3.01 -3.44
N ILE B 231 27.03 -2.82 -3.21
CA ILE B 231 26.03 -3.04 -4.26
C ILE B 231 26.24 -2.05 -5.39
N LEU B 232 26.44 -0.77 -5.05
CA LEU B 232 26.66 0.24 -6.07
C LEU B 232 27.97 0.00 -6.82
N LEU B 233 28.99 -0.46 -6.11
CA LEU B 233 30.25 -0.79 -6.76
C LEU B 233 30.08 -1.93 -7.76
N ARG B 234 29.33 -2.96 -7.38
CA ARG B 234 29.13 -4.08 -8.28
C ARG B 234 28.12 -3.77 -9.37
N ILE B 235 27.21 -2.82 -9.14
CA ILE B 235 26.35 -2.33 -10.22
C ILE B 235 27.20 -1.67 -11.30
N HIS B 236 28.24 -0.94 -10.89
CA HIS B 236 29.16 -0.34 -11.85
C HIS B 236 29.82 -1.38 -12.72
N GLY B 237 30.08 -2.57 -12.17
CA GLY B 237 30.59 -3.67 -12.98
C GLY B 237 29.62 -4.15 -14.03
N THR B 238 28.32 -3.94 -13.83
CA THR B 238 27.33 -4.32 -14.83
C THR B 238 27.12 -3.25 -15.89
N LEU B 239 27.54 -2.02 -15.63
CA LEU B 239 27.27 -0.92 -16.54
C LEU B 239 28.31 -0.85 -17.65
N LYS B 240 27.84 -0.62 -18.87
CA LYS B 240 28.74 -0.24 -19.93
C LYS B 240 29.32 1.14 -19.63
N PRO B 241 30.53 1.42 -20.09
CA PRO B 241 31.12 2.74 -19.83
C PRO B 241 30.23 3.86 -20.34
N GLY B 242 30.01 4.85 -19.48
CA GLY B 242 29.07 5.91 -19.79
C GLY B 242 27.62 5.58 -19.53
N GLY B 243 27.32 4.36 -19.11
CA GLY B 243 25.95 4.01 -18.77
C GLY B 243 25.43 4.81 -17.60
N TYR B 244 24.11 4.81 -17.45
CA TYR B 244 23.43 5.66 -16.48
C TYR B 244 22.80 4.84 -15.38
N LEU B 245 22.84 5.37 -14.16
CA LEU B 245 22.23 4.76 -12.99
C LEU B 245 21.17 5.71 -12.45
N PHE B 246 19.95 5.20 -12.29
CA PHE B 246 18.83 5.96 -11.73
C PHE B 246 18.55 5.42 -10.33
N LEU B 247 18.61 6.31 -9.34
CA LEU B 247 18.20 5.97 -7.98
C LEU B 247 16.79 6.51 -7.74
N GLY B 248 16.29 6.28 -6.52
CA GLY B 248 15.04 6.90 -6.13
C GLY B 248 15.16 8.42 -6.03
N ALA B 249 14.00 9.08 -6.00
CA ALA B 249 13.99 10.54 -6.07
C ALA B 249 14.70 11.19 -4.89
N SER B 250 14.76 10.50 -3.75
CA SER B 250 15.36 11.06 -2.54
C SER B 250 16.66 10.36 -2.16
N GLU B 251 17.28 9.64 -3.08
CA GLU B 251 18.49 8.88 -2.81
C GLU B 251 19.70 9.50 -3.50
N ALA B 252 20.86 9.30 -2.89
CA ALA B 252 22.12 9.73 -3.46
C ALA B 252 23.21 8.75 -3.05
N LEU B 253 24.29 8.74 -3.84
CA LEU B 253 25.53 8.09 -3.45
C LEU B 253 26.59 9.17 -3.26
N ASN B 254 27.48 8.95 -2.30
CA ASN B 254 28.42 10.02 -1.94
C ASN B 254 29.82 9.53 -1.63
N ASN B 255 30.14 8.24 -1.88
CA ASN B 255 31.46 7.74 -1.53
C ASN B 255 32.04 6.86 -2.64
N LEU B 256 31.69 7.12 -3.89
CA LEU B 256 32.25 6.38 -5.03
C LEU B 256 32.78 7.36 -6.07
N PRO B 257 33.75 8.18 -5.71
CA PRO B 257 34.17 9.26 -6.63
C PRO B 257 34.90 8.76 -7.86
N ASP B 258 35.52 7.58 -7.80
CA ASP B 258 36.22 7.03 -8.96
C ASP B 258 35.28 6.33 -9.93
N HIS B 259 34.04 6.01 -9.51
CA HIS B 259 33.16 5.18 -10.30
C HIS B 259 31.97 5.90 -10.90
N TYR B 260 31.42 6.91 -10.23
CA TYR B 260 30.19 7.55 -10.67
C TYR B 260 30.37 9.05 -10.75
N GLN B 261 29.74 9.67 -11.75
CA GLN B 261 29.67 11.11 -11.89
C GLN B 261 28.21 11.52 -11.87
N MET B 262 27.85 12.42 -10.96
CA MET B 262 26.48 12.88 -10.89
C MET B 262 26.16 13.78 -12.08
N VAL B 263 24.98 13.58 -12.65
CA VAL B 263 24.48 14.39 -13.75
C VAL B 263 23.18 15.04 -13.32
N GLN B 264 23.13 16.38 -13.37
CA GLN B 264 21.92 17.10 -13.05
C GLN B 264 20.98 17.13 -14.25
N CYS B 265 19.69 16.90 -14.01
CA CYS B 265 18.71 16.79 -15.07
C CYS B 265 17.63 17.86 -15.04
N SER B 266 17.37 18.48 -13.88
CA SER B 266 16.39 19.54 -13.73
C SER B 266 15.01 19.08 -14.21
N PRO B 267 14.22 18.43 -13.34
CA PRO B 267 14.60 18.15 -11.97
C PRO B 267 15.27 16.78 -11.81
N GLY B 268 15.78 16.51 -10.62
CA GLY B 268 16.30 15.19 -10.30
C GLY B 268 17.74 14.99 -10.74
N ILE B 269 18.26 13.83 -10.36
CA ILE B 269 19.67 13.49 -10.54
C ILE B 269 19.75 12.07 -11.09
N ILE B 270 20.76 11.84 -11.94
CA ILE B 270 21.19 10.49 -12.32
C ILE B 270 22.70 10.43 -12.18
N TYR B 271 23.24 9.21 -12.31
CA TYR B 271 24.67 8.98 -12.19
C TYR B 271 25.19 8.28 -13.43
N ARG B 272 26.33 8.72 -13.92
CA ARG B 272 26.97 8.15 -15.10
C ARG B 272 28.19 7.33 -14.68
N ALA B 273 28.32 6.14 -15.27
CA ALA B 273 29.43 5.26 -14.93
C ALA B 273 30.72 5.77 -15.57
N LYS B 274 31.71 6.08 -14.73
CA LYS B 274 33.01 6.54 -15.22
C LYS B 274 33.82 5.38 -15.78
N THR C 74 -26.49 23.21 -3.67
CA THR C 74 -26.20 23.52 -5.06
C THR C 74 -27.43 24.10 -5.75
N LEU C 75 -27.23 24.73 -6.90
CA LEU C 75 -28.34 25.27 -7.67
C LEU C 75 -27.89 25.44 -9.12
N TRP C 76 -28.86 25.73 -9.98
CA TRP C 76 -28.59 25.89 -11.41
C TRP C 76 -27.90 27.21 -11.67
N PHE C 77 -26.87 27.19 -12.51
CA PHE C 77 -26.11 28.38 -12.91
C PHE C 77 -25.75 29.23 -11.70
N ARG C 78 -25.22 28.57 -10.68
CA ARG C 78 -24.97 29.19 -9.38
C ARG C 78 -24.08 30.42 -9.52
N ASP C 79 -24.51 31.53 -8.90
CA ASP C 79 -23.87 32.84 -8.91
C ASP C 79 -23.98 33.53 -10.26
N THR C 80 -24.56 32.88 -11.27
CA THR C 80 -24.83 33.46 -12.60
C THR C 80 -23.56 33.79 -13.38
N TYR C 81 -22.79 34.78 -12.92
CA TYR C 81 -21.71 35.34 -13.72
C TYR C 81 -20.55 34.39 -14.04
N PRO C 82 -20.25 33.35 -13.24
CA PRO C 82 -19.19 32.42 -13.67
C PRO C 82 -19.46 31.81 -15.03
N PHE C 83 -20.74 31.58 -15.38
CA PHE C 83 -21.08 30.99 -16.66
C PHE C 83 -21.12 32.03 -17.78
N GLU C 84 -21.34 33.30 -17.44
CA GLU C 84 -21.18 34.37 -18.42
C GLU C 84 -19.71 34.64 -18.72
N VAL C 85 -18.86 34.56 -17.70
CA VAL C 85 -17.42 34.71 -17.92
C VAL C 85 -16.90 33.57 -18.78
N LEU C 86 -17.47 32.38 -18.60
CA LEU C 86 -17.08 31.24 -19.43
C LEU C 86 -17.39 31.50 -20.90
N LYS C 87 -18.60 32.01 -21.18
CA LYS C 87 -19.01 32.17 -22.58
C LYS C 87 -18.38 33.40 -23.22
N GLN C 88 -18.27 34.50 -22.47
CA GLN C 88 -17.79 35.75 -23.04
C GLN C 88 -16.27 35.89 -22.99
N ARG C 89 -15.60 35.30 -22.01
CA ARG C 89 -14.18 35.55 -21.79
C ARG C 89 -13.32 34.31 -21.98
N VAL C 90 -13.63 33.20 -21.32
CA VAL C 90 -12.70 32.08 -21.27
C VAL C 90 -12.76 31.25 -22.55
N LEU C 91 -13.96 30.90 -22.98
CA LEU C 91 -14.09 30.09 -24.20
C LEU C 91 -13.46 30.75 -25.43
N PRO C 92 -13.70 32.03 -25.72
CA PRO C 92 -13.05 32.62 -26.91
C PRO C 92 -11.53 32.62 -26.85
N GLU C 93 -10.95 32.83 -25.67
CA GLU C 93 -9.50 32.79 -25.55
C GLU C 93 -8.98 31.38 -25.80
N LEU C 94 -9.58 30.38 -25.15
CA LEU C 94 -9.09 29.01 -25.28
C LEU C 94 -9.34 28.47 -26.69
N ILE C 95 -10.46 28.84 -27.30
CA ILE C 95 -10.77 28.37 -28.65
C ILE C 95 -9.82 28.99 -29.67
N LYS C 96 -9.48 30.27 -29.49
CA LYS C 96 -8.60 30.94 -30.44
C LYS C 96 -7.21 30.30 -30.43
N ALA C 97 -6.70 29.94 -29.25
CA ALA C 97 -5.34 29.41 -29.16
C ALA C 97 -5.24 28.01 -29.77
N ASN C 98 -6.22 27.16 -29.49
CA ASN C 98 -6.16 25.77 -29.94
C ASN C 98 -6.87 25.52 -31.26
N GLY C 99 -7.35 26.58 -31.91
CA GLY C 99 -8.00 26.43 -33.22
C GLY C 99 -9.32 25.72 -33.19
N GLY C 100 -10.05 25.79 -32.08
CA GLY C 100 -11.36 25.16 -32.00
C GLY C 100 -11.36 23.67 -31.79
N GLN C 101 -10.23 23.09 -31.39
CA GLN C 101 -10.16 21.65 -31.15
C GLN C 101 -10.82 21.30 -29.83
N ARG C 102 -10.77 20.01 -29.46
CA ARG C 102 -11.53 19.50 -28.34
C ARG C 102 -11.12 20.18 -27.03
N LEU C 103 -12.11 20.61 -26.26
CA LEU C 103 -11.90 21.16 -24.93
C LEU C 103 -12.43 20.18 -23.89
N ARG C 104 -11.79 20.19 -22.71
CA ARG C 104 -12.18 19.32 -21.62
C ARG C 104 -12.34 20.16 -20.37
N ILE C 105 -13.45 19.95 -19.66
CA ILE C 105 -13.78 20.68 -18.43
C ILE C 105 -14.02 19.67 -17.33
N TRP C 106 -13.36 19.88 -16.19
CA TRP C 106 -13.57 19.07 -15.00
C TRP C 106 -14.49 19.83 -14.06
N SER C 107 -15.65 19.24 -13.75
CA SER C 107 -16.53 19.74 -12.70
C SER C 107 -16.28 18.88 -11.47
N ALA C 108 -15.44 19.37 -10.57
CA ALA C 108 -15.09 18.65 -9.36
C ALA C 108 -16.12 18.95 -8.27
N ALA C 109 -16.59 17.91 -7.60
CA ALA C 109 -17.69 18.02 -6.63
C ALA C 109 -18.97 18.51 -7.33
N CYS C 110 -19.46 17.67 -8.24
CA CYS C 110 -20.63 18.01 -9.03
C CYS C 110 -21.93 17.92 -8.24
N SER C 111 -21.92 17.24 -7.11
CA SER C 111 -23.11 17.08 -6.25
C SER C 111 -24.24 16.46 -7.10
N SER C 112 -25.47 16.94 -6.98
CA SER C 112 -26.61 16.38 -7.71
C SER C 112 -26.61 16.72 -9.22
N GLY C 113 -25.57 17.35 -9.76
CA GLY C 113 -25.43 17.50 -11.20
C GLY C 113 -25.78 18.86 -11.74
N GLN C 114 -26.30 19.77 -10.92
CA GLN C 114 -26.69 21.09 -11.42
C GLN C 114 -25.52 21.80 -12.09
N GLU C 115 -24.33 21.71 -11.51
CA GLU C 115 -23.18 22.43 -12.08
C GLU C 115 -22.74 21.87 -13.42
N PRO C 116 -22.46 20.57 -13.58
CA PRO C 116 -22.04 20.08 -14.91
C PRO C 116 -23.12 20.27 -15.98
N TYR C 117 -24.39 20.06 -15.65
CA TYR C 117 -25.44 20.27 -16.64
C TYR C 117 -25.60 21.74 -16.99
N SER C 118 -25.34 22.64 -16.03
CA SER C 118 -25.33 24.06 -16.35
C SER C 118 -24.18 24.40 -17.30
N LEU C 119 -23.01 23.81 -17.07
CA LEU C 119 -21.90 24.00 -17.98
C LEU C 119 -22.25 23.48 -19.38
N SER C 120 -22.90 22.32 -19.46
CA SER C 120 -23.27 21.78 -20.76
C SER C 120 -24.28 22.68 -21.46
N MET C 121 -25.24 23.23 -20.71
CA MET C 121 -26.17 24.19 -21.29
C MET C 121 -25.42 25.44 -21.76
N ALA C 122 -24.45 25.92 -20.96
CA ALA C 122 -23.68 27.08 -21.37
C ALA C 122 -22.90 26.81 -22.65
N ILE C 123 -22.32 25.61 -22.77
CA ILE C 123 -21.61 25.24 -24.00
C ILE C 123 -22.59 25.24 -25.19
N ASP C 124 -23.78 24.69 -24.98
CA ASP C 124 -24.77 24.65 -26.06
C ASP C 124 -25.18 26.06 -26.47
N GLU C 125 -25.35 26.95 -25.50
CA GLU C 125 -25.68 28.34 -25.82
C GLU C 125 -24.54 29.00 -26.57
N PHE C 126 -23.29 28.70 -26.21
CA PHE C 126 -22.16 29.26 -26.93
C PHE C 126 -22.06 28.69 -28.34
N GLU C 127 -22.36 27.40 -28.50
CA GLU C 127 -22.23 26.78 -29.82
C GLU C 127 -23.29 27.30 -30.80
N LYS C 128 -24.48 27.61 -30.32
CA LYS C 128 -25.52 28.17 -31.18
C LYS C 128 -25.38 29.68 -31.35
N THR C 129 -24.57 30.33 -30.53
CA THR C 129 -24.25 31.74 -30.72
C THR C 129 -23.04 31.94 -31.61
N ASN C 130 -22.07 31.04 -31.57
CA ASN C 130 -20.80 31.17 -32.28
C ASN C 130 -20.62 29.93 -33.17
N LEU C 131 -21.31 29.92 -34.31
CA LEU C 131 -21.17 28.85 -35.29
C LEU C 131 -20.06 29.23 -36.27
N GLY C 132 -19.04 28.38 -36.38
CA GLY C 132 -18.92 27.18 -35.56
C GLY C 132 -17.51 27.11 -34.99
N GLN C 133 -17.26 27.92 -33.96
CA GLN C 133 -15.91 28.08 -33.44
C GLN C 133 -15.42 26.82 -32.73
N LEU C 134 -16.32 26.09 -32.06
CA LEU C 134 -15.99 24.80 -31.48
C LEU C 134 -16.13 23.75 -32.57
N LYS C 135 -15.00 23.29 -33.11
CA LYS C 135 -14.99 22.33 -34.20
C LYS C 135 -14.89 20.90 -33.74
N ALA C 136 -14.78 20.65 -32.43
CA ALA C 136 -14.66 19.29 -31.92
C ALA C 136 -15.46 19.06 -30.65
N GLY C 137 -16.31 19.99 -30.24
CA GLY C 137 -17.11 19.80 -29.05
C GLY C 137 -16.31 19.94 -27.77
N VAL C 138 -16.99 19.70 -26.65
CA VAL C 138 -16.44 19.86 -25.32
C VAL C 138 -16.81 18.64 -24.49
N GLN C 139 -15.82 18.09 -23.77
CA GLN C 139 -16.05 16.98 -22.86
C GLN C 139 -16.12 17.52 -21.43
N ILE C 140 -17.16 17.13 -20.70
CA ILE C 140 -17.31 17.50 -19.30
C ILE C 140 -17.18 16.24 -18.46
N VAL C 141 -16.22 16.23 -17.55
CA VAL C 141 -16.04 15.14 -16.59
C VAL C 141 -16.50 15.66 -15.24
N ALA C 142 -17.51 15.00 -14.68
CA ALA C 142 -18.12 15.40 -13.41
C ALA C 142 -17.81 14.37 -12.35
N THR C 143 -17.28 14.81 -11.22
CA THR C 143 -16.88 13.90 -10.16
C THR C 143 -17.48 14.33 -8.83
N ASP C 144 -17.72 13.34 -7.98
CA ASP C 144 -18.14 13.52 -6.61
C ASP C 144 -17.92 12.19 -5.90
N LEU C 145 -18.42 12.08 -4.67
CA LEU C 145 -18.34 10.82 -3.96
C LEU C 145 -19.46 9.89 -4.41
N SER C 146 -19.13 8.60 -4.50
CA SER C 146 -20.08 7.61 -5.00
C SER C 146 -21.23 7.44 -4.02
N GLY C 147 -22.45 7.62 -4.51
CA GLY C 147 -23.62 7.54 -3.66
C GLY C 147 -24.80 8.22 -4.31
N SER C 148 -25.90 8.26 -3.55
CA SER C 148 -27.19 8.67 -4.10
C SER C 148 -27.23 10.12 -4.58
N MET C 149 -26.17 10.89 -4.37
CA MET C 149 -26.10 12.21 -4.99
C MET C 149 -25.35 12.19 -6.30
N LEU C 150 -24.40 11.27 -6.48
CA LEU C 150 -23.79 11.06 -7.78
C LEU C 150 -24.68 10.23 -8.68
N THR C 151 -25.39 9.25 -8.11
CA THR C 151 -26.34 8.47 -8.90
C THR C 151 -27.56 9.28 -9.30
N ALA C 152 -27.94 10.26 -8.48
CA ALA C 152 -29.01 11.16 -8.87
C ALA C 152 -28.59 12.04 -10.04
N ALA C 153 -27.35 12.53 -10.03
CA ALA C 153 -26.86 13.37 -11.12
C ALA C 153 -26.84 12.60 -12.43
N LYS C 154 -26.43 11.33 -12.40
CA LYS C 154 -26.34 10.54 -13.62
C LYS C 154 -27.68 10.45 -14.33
N ALA C 155 -28.77 10.25 -13.58
CA ALA C 155 -30.09 10.14 -14.19
C ALA C 155 -30.54 11.47 -14.78
N GLY C 156 -30.10 12.60 -14.22
CA GLY C 156 -30.45 13.89 -14.75
C GLY C 156 -31.87 14.32 -14.47
N GLU C 157 -32.53 13.72 -13.48
CA GLU C 157 -33.90 14.04 -13.14
C GLU C 157 -33.96 14.86 -11.86
N TYR C 158 -34.91 15.81 -11.80
CA TYR C 158 -35.00 16.75 -10.71
C TYR C 158 -36.48 17.03 -10.42
N ASP C 159 -36.78 17.36 -9.16
CA ASP C 159 -38.14 17.64 -8.75
C ASP C 159 -38.41 19.15 -8.80
N THR C 160 -39.65 19.52 -8.50
CA THR C 160 -40.07 20.92 -8.64
C THR C 160 -39.20 21.86 -7.81
N LEU C 161 -38.91 21.48 -6.56
CA LEU C 161 -38.12 22.34 -5.69
C LEU C 161 -36.74 22.63 -6.29
N ALA C 162 -36.09 21.60 -6.83
CA ALA C 162 -34.78 21.80 -7.44
C ALA C 162 -34.87 22.56 -8.75
N MET C 163 -35.98 22.40 -9.49
CA MET C 163 -36.14 23.07 -10.76
C MET C 163 -36.52 24.54 -10.61
N GLY C 164 -36.98 24.96 -9.44
CA GLY C 164 -37.40 26.33 -9.25
C GLY C 164 -36.31 27.30 -8.85
N ARG C 165 -35.09 26.83 -8.64
CA ARG C 165 -33.99 27.66 -8.15
C ARG C 165 -32.98 27.90 -9.27
N GLY C 166 -32.93 29.14 -9.74
CA GLY C 166 -31.86 29.58 -10.62
C GLY C 166 -31.97 29.18 -12.07
N LEU C 167 -33.13 28.70 -12.51
CA LEU C 167 -33.34 28.26 -13.88
C LEU C 167 -34.31 29.22 -14.56
N SER C 168 -33.86 29.87 -15.63
CA SER C 168 -34.72 30.77 -16.37
C SER C 168 -35.81 29.97 -17.08
N PRO C 169 -36.93 30.62 -17.44
CA PRO C 169 -37.97 29.91 -18.19
C PRO C 169 -37.51 29.47 -19.57
N GLU C 170 -36.64 30.24 -20.23
CA GLU C 170 -36.19 29.86 -21.56
C GLU C 170 -35.31 28.61 -21.50
N ARG C 171 -34.40 28.55 -20.55
CA ARG C 171 -33.58 27.34 -20.41
C ARG C 171 -34.41 26.15 -19.98
N LEU C 172 -35.45 26.38 -19.17
CA LEU C 172 -36.33 25.28 -18.77
C LEU C 172 -37.02 24.65 -19.97
N GLN C 173 -37.51 25.48 -20.90
CA GLN C 173 -38.20 24.95 -22.07
C GLN C 173 -37.22 24.30 -23.03
N ARG C 174 -36.03 24.87 -23.18
CA ARG C 174 -35.10 24.45 -24.23
C ARG C 174 -34.32 23.20 -23.86
N TYR C 175 -34.09 22.96 -22.56
CA TYR C 175 -33.12 21.96 -22.14
C TYR C 175 -33.69 20.88 -21.23
N PHE C 176 -35.00 20.82 -21.02
CA PHE C 176 -35.57 19.86 -20.09
C PHE C 176 -36.81 19.21 -20.68
N ASP C 177 -37.06 17.97 -20.25
CA ASP C 177 -38.27 17.22 -20.59
C ASP C 177 -39.08 16.97 -19.33
N ALA C 178 -40.41 17.09 -19.45
CA ALA C 178 -41.27 16.72 -18.34
C ALA C 178 -41.27 15.21 -18.16
N LYS C 179 -41.21 14.78 -16.89
CA LYS C 179 -41.08 13.36 -16.55
C LYS C 179 -42.11 12.97 -15.49
N GLY C 180 -43.36 13.33 -15.74
CA GLY C 180 -44.40 13.08 -14.78
C GLY C 180 -44.62 14.27 -13.88
N PRO C 181 -45.61 14.20 -12.98
CA PRO C 181 -45.95 15.34 -12.14
C PRO C 181 -44.81 15.68 -11.18
N GLY C 182 -44.32 16.91 -11.26
CA GLY C 182 -43.28 17.36 -10.36
C GLY C 182 -41.91 16.82 -10.65
N ARG C 183 -41.66 16.32 -11.87
CA ARG C 183 -40.37 15.75 -12.23
C ARG C 183 -39.95 16.27 -13.59
N TRP C 184 -38.66 16.59 -13.72
CA TRP C 184 -38.09 17.09 -14.96
C TRP C 184 -36.73 16.44 -15.18
N ALA C 185 -36.37 16.27 -16.45
CA ALA C 185 -35.11 15.63 -16.80
C ALA C 185 -34.36 16.45 -17.83
N VAL C 186 -33.04 16.53 -17.66
CA VAL C 186 -32.21 17.21 -18.65
C VAL C 186 -32.27 16.46 -19.97
N LYS C 187 -32.35 17.20 -21.07
CA LYS C 187 -32.46 16.59 -22.38
C LYS C 187 -31.21 15.78 -22.73
N PRO C 188 -31.36 14.71 -23.50
CA PRO C 188 -30.19 13.88 -23.86
C PRO C 188 -29.07 14.66 -24.56
N ALA C 189 -29.42 15.64 -25.39
CA ALA C 189 -28.40 16.44 -26.06
C ALA C 189 -27.51 17.17 -25.05
N ILE C 190 -28.04 17.50 -23.89
CA ILE C 190 -27.26 18.17 -22.86
C ILE C 190 -26.53 17.17 -21.97
N ARG C 191 -27.16 16.03 -21.68
CA ARG C 191 -26.51 15.03 -20.84
C ARG C 191 -25.37 14.33 -21.55
N SER C 192 -25.42 14.26 -22.88
CA SER C 192 -24.43 13.50 -23.63
C SER C 192 -23.00 14.00 -23.40
N ARG C 193 -22.84 15.30 -23.16
CA ARG C 193 -21.52 15.91 -22.98
C ARG C 193 -20.88 15.58 -21.63
N VAL C 194 -21.64 15.04 -20.67
CA VAL C 194 -21.22 14.96 -19.29
C VAL C 194 -21.00 13.49 -18.92
N GLU C 195 -19.77 13.16 -18.55
CA GLU C 195 -19.43 11.83 -18.03
C GLU C 195 -19.24 11.93 -16.53
N PHE C 196 -19.92 11.07 -15.78
CA PHE C 196 -19.83 11.05 -14.33
C PHE C 196 -18.88 9.94 -13.89
N ARG C 197 -17.94 10.29 -13.01
CA ARG C 197 -16.97 9.35 -12.47
C ARG C 197 -16.94 9.48 -10.96
N ALA C 198 -16.89 8.34 -10.27
CA ALA C 198 -16.71 8.34 -8.83
C ALA C 198 -15.25 8.65 -8.52
N LEU C 199 -15.02 9.71 -7.75
CA LEU C 199 -13.65 10.14 -7.47
C LEU C 199 -13.62 10.89 -6.14
N ASN C 200 -12.81 10.41 -5.21
CA ASN C 200 -12.52 11.14 -4.00
C ASN C 200 -11.43 12.17 -4.29
N LEU C 201 -11.65 13.41 -3.84
CA LEU C 201 -10.66 14.45 -4.07
C LEU C 201 -9.34 14.15 -3.38
N LEU C 202 -9.35 13.25 -2.39
CA LEU C 202 -8.13 12.86 -1.68
C LEU C 202 -7.31 11.83 -2.45
N ASP C 203 -7.82 11.28 -3.55
CA ASP C 203 -7.10 10.30 -4.33
C ASP C 203 -6.41 10.95 -5.52
N SER C 204 -5.66 10.15 -6.26
CA SER C 204 -4.85 10.67 -7.37
C SER C 204 -5.72 11.08 -8.55
N TYR C 205 -5.22 12.04 -9.32
CA TYR C 205 -5.96 12.61 -10.45
C TYR C 205 -5.43 12.16 -11.81
N ALA C 206 -4.42 11.29 -11.85
CA ALA C 206 -3.74 11.00 -13.11
C ALA C 206 -4.71 10.37 -14.13
N SER C 207 -5.65 9.55 -13.66
CA SER C 207 -6.57 8.88 -14.58
C SER C 207 -7.56 9.85 -15.23
N LEU C 208 -7.59 11.10 -14.80
CA LEU C 208 -8.54 12.08 -15.35
C LEU C 208 -8.04 12.75 -16.62
N GLY C 209 -6.72 12.79 -16.84
CA GLY C 209 -6.19 13.46 -18.01
C GLY C 209 -6.00 14.94 -17.80
N LYS C 210 -6.05 15.71 -18.89
CA LYS C 210 -5.77 17.14 -18.85
C LYS C 210 -7.03 17.93 -19.18
N PHE C 211 -7.19 19.07 -18.53
CA PHE C 211 -8.37 19.90 -18.67
C PHE C 211 -7.96 21.32 -19.05
N ASP C 212 -8.75 21.93 -19.92
CA ASP C 212 -8.60 23.35 -20.20
C ASP C 212 -9.21 24.21 -19.10
N MET C 213 -10.19 23.67 -18.38
CA MET C 213 -10.84 24.39 -17.29
C MET C 213 -11.22 23.39 -16.20
N VAL C 214 -11.17 23.85 -14.96
CA VAL C 214 -11.61 23.07 -13.81
C VAL C 214 -12.55 23.94 -12.98
N PHE C 215 -13.72 23.39 -12.66
CA PHE C 215 -14.66 24.00 -11.74
C PHE C 215 -14.62 23.20 -10.45
N CYS C 216 -14.16 23.83 -9.36
CA CYS C 216 -14.04 23.19 -8.04
C CYS C 216 -14.63 24.15 -7.02
N ARG C 217 -15.95 24.20 -6.97
CA ARG C 217 -16.66 25.27 -6.28
C ARG C 217 -17.32 24.75 -5.01
N ASN C 218 -17.06 25.44 -3.89
CA ASN C 218 -17.73 25.21 -2.62
C ASN C 218 -17.53 23.77 -2.11
N VAL C 219 -16.30 23.28 -2.22
CA VAL C 219 -15.97 21.98 -1.63
C VAL C 219 -14.69 22.11 -0.81
N LEU C 220 -13.76 22.97 -1.26
CA LEU C 220 -12.51 23.15 -0.52
C LEU C 220 -12.75 23.67 0.88
N ILE C 221 -13.88 24.37 1.10
CA ILE C 221 -14.19 24.92 2.42
C ILE C 221 -14.27 23.84 3.48
N TYR C 222 -14.58 22.60 3.08
CA TYR C 222 -14.80 21.52 4.03
C TYR C 222 -13.52 20.97 4.62
N PHE C 223 -12.37 21.25 4.02
CA PHE C 223 -11.14 20.55 4.35
C PHE C 223 -10.21 21.41 5.21
N SER C 224 -9.22 20.75 5.80
CA SER C 224 -8.15 21.45 6.48
C SER C 224 -7.34 22.26 5.49
N ALA C 225 -6.53 23.18 6.03
CA ALA C 225 -5.68 24.01 5.19
C ALA C 225 -4.66 23.16 4.44
N GLU C 226 -4.14 22.12 5.09
CA GLU C 226 -3.14 21.27 4.44
C GLU C 226 -3.76 20.46 3.30
N VAL C 227 -4.98 19.96 3.50
CA VAL C 227 -5.64 19.17 2.46
C VAL C 227 -6.08 20.08 1.32
N LYS C 228 -6.54 21.29 1.64
CA LYS C 228 -6.97 22.23 0.60
C LYS C 228 -5.82 22.58 -0.34
N ARG C 229 -4.63 22.84 0.22
CA ARG C 229 -3.50 23.20 -0.63
C ARG C 229 -3.03 22.01 -1.47
N ASP C 230 -3.05 20.81 -0.89
CA ASP C 230 -2.64 19.63 -1.64
C ASP C 230 -3.59 19.36 -2.80
N ILE C 231 -4.90 19.53 -2.58
CA ILE C 231 -5.87 19.35 -3.65
C ILE C 231 -5.63 20.38 -4.75
N LEU C 232 -5.46 21.65 -4.35
CA LEU C 232 -5.23 22.70 -5.33
C LEU C 232 -3.94 22.49 -6.10
N LEU C 233 -2.90 22.03 -5.40
CA LEU C 233 -1.64 21.73 -6.07
C LEU C 233 -1.80 20.60 -7.09
N ARG C 234 -2.53 19.55 -6.73
CA ARG C 234 -2.72 18.44 -7.65
C ARG C 234 -3.73 18.77 -8.74
N ILE C 235 -4.67 19.67 -8.48
CA ILE C 235 -5.54 20.15 -9.55
C ILE C 235 -4.71 20.85 -10.62
N HIS C 236 -3.74 21.66 -10.20
CA HIS C 236 -2.85 22.32 -11.15
C HIS C 236 -2.18 21.32 -12.08
N GLY C 237 -1.87 20.12 -11.57
CA GLY C 237 -1.28 19.08 -12.39
C GLY C 237 -2.22 18.53 -13.46
N THR C 238 -3.53 18.76 -13.32
CA THR C 238 -4.48 18.35 -14.34
C THR C 238 -4.75 19.44 -15.36
N LEU C 239 -4.35 20.67 -15.09
CA LEU C 239 -4.67 21.79 -15.96
C LEU C 239 -3.59 21.98 -17.02
N LYS C 240 -4.03 22.22 -18.25
CA LYS C 240 -3.12 22.66 -19.28
C LYS C 240 -2.58 24.05 -18.91
N PRO C 241 -1.32 24.34 -19.22
CA PRO C 241 -0.78 25.68 -18.91
C PRO C 241 -1.62 26.76 -19.57
N GLY C 242 -1.97 27.77 -18.79
CA GLY C 242 -2.86 28.82 -19.25
C GLY C 242 -4.33 28.54 -19.07
N GLY C 243 -4.70 27.32 -18.67
CA GLY C 243 -6.08 27.02 -18.35
C GLY C 243 -6.52 27.74 -17.08
N TYR C 244 -7.80 27.59 -16.76
CA TYR C 244 -8.43 28.38 -15.71
C TYR C 244 -9.09 27.50 -14.67
N LEU C 245 -9.02 27.94 -13.42
CA LEU C 245 -9.68 27.30 -12.29
C LEU C 245 -10.74 28.25 -11.72
N PHE C 246 -11.96 27.74 -11.57
CA PHE C 246 -13.08 28.49 -10.99
C PHE C 246 -13.34 27.93 -9.59
N LEU C 247 -13.32 28.80 -8.58
CA LEU C 247 -13.73 28.42 -7.24
C LEU C 247 -15.13 28.95 -6.96
N GLY C 248 -15.62 28.69 -5.75
CA GLY C 248 -16.87 29.30 -5.32
C GLY C 248 -16.76 30.81 -5.22
N ALA C 249 -17.92 31.47 -5.21
CA ALA C 249 -17.96 32.92 -5.29
C ALA C 249 -17.28 33.60 -4.09
N SER C 250 -17.17 32.91 -2.95
CA SER C 250 -16.55 33.49 -1.77
C SER C 250 -15.28 32.75 -1.37
N GLU C 251 -14.71 31.97 -2.28
CA GLU C 251 -13.49 31.24 -2.00
C GLU C 251 -12.29 31.93 -2.65
N ALA C 252 -11.12 31.71 -2.06
CA ALA C 252 -9.87 32.21 -2.62
C ALA C 252 -8.77 31.23 -2.29
N LEU C 253 -7.66 31.35 -3.03
CA LEU C 253 -6.41 30.68 -2.69
C LEU C 253 -5.32 31.74 -2.58
N ASN C 254 -4.42 31.56 -1.62
CA ASN C 254 -3.46 32.62 -1.33
C ASN C 254 -2.07 32.10 -0.97
N ASN C 255 -1.79 30.82 -1.18
CA ASN C 255 -0.47 30.27 -0.84
C ASN C 255 0.07 29.37 -1.94
N LEU C 256 -0.26 29.63 -3.19
CA LEU C 256 0.31 28.92 -4.33
C LEU C 256 0.77 29.92 -5.39
N PRO C 257 1.76 30.76 -5.05
CA PRO C 257 2.14 31.83 -5.98
C PRO C 257 2.85 31.36 -7.24
N ASP C 258 3.49 30.19 -7.21
CA ASP C 258 4.18 29.68 -8.38
C ASP C 258 3.27 28.87 -9.30
N HIS C 259 2.03 28.62 -8.89
CA HIS C 259 1.12 27.75 -9.65
C HIS C 259 -0.08 28.48 -10.24
N TYR C 260 -0.60 29.50 -9.57
CA TYR C 260 -1.81 30.17 -10.02
C TYR C 260 -1.61 31.68 -10.03
N GLN C 261 -2.29 32.33 -10.97
CA GLN C 261 -2.34 33.79 -11.06
C GLN C 261 -3.80 34.22 -10.99
N MET C 262 -4.11 35.07 -10.02
CA MET C 262 -5.48 35.57 -9.91
C MET C 262 -5.82 36.48 -11.08
N VAL C 263 -7.01 36.32 -11.62
CA VAL C 263 -7.50 37.11 -12.75
C VAL C 263 -8.82 37.73 -12.35
N GLN C 264 -8.87 39.06 -12.29
CA GLN C 264 -10.11 39.76 -12.02
C GLN C 264 -11.03 39.68 -13.24
N CYS C 265 -12.29 39.35 -13.01
CA CYS C 265 -13.25 39.22 -14.09
C CYS C 265 -14.36 40.26 -14.06
N SER C 266 -14.64 40.86 -12.90
CA SER C 266 -15.62 41.93 -12.75
C SER C 266 -16.98 41.49 -13.30
N PRO C 267 -17.81 40.81 -12.49
CA PRO C 267 -17.50 40.46 -11.11
C PRO C 267 -16.86 39.09 -10.99
N GLY C 268 -16.41 38.75 -9.78
CA GLY C 268 -15.78 37.46 -9.52
C GLY C 268 -14.34 37.39 -10.00
N ILE C 269 -13.70 36.28 -9.62
CA ILE C 269 -12.31 36.01 -9.97
C ILE C 269 -12.18 34.58 -10.45
N ILE C 270 -11.16 34.34 -11.28
CA ILE C 270 -10.71 33.01 -11.66
C ILE C 270 -9.20 32.95 -11.48
N TYR C 271 -8.64 31.75 -11.66
CA TYR C 271 -7.21 31.54 -11.45
C TYR C 271 -6.61 30.87 -12.68
N ARG C 272 -5.61 31.52 -13.28
CA ARG C 272 -4.91 30.95 -14.42
C ARG C 272 -3.80 30.01 -13.94
N ALA C 273 -3.69 28.86 -14.60
CA ALA C 273 -2.64 27.90 -14.27
C ALA C 273 -1.32 28.36 -14.88
N LYS C 274 -0.33 28.64 -14.04
CA LYS C 274 0.99 29.05 -14.52
C LYS C 274 1.80 27.86 -15.02
N THR D 74 -4.31 2.45 6.87
CA THR D 74 -5.00 1.52 7.76
C THR D 74 -4.22 0.22 7.88
N LEU D 75 -4.43 -0.50 8.99
CA LEU D 75 -3.77 -1.78 9.22
C LEU D 75 -4.54 -2.55 10.28
N TRP D 76 -4.11 -3.78 10.50
CA TRP D 76 -4.83 -4.68 11.40
C TRP D 76 -4.60 -4.29 12.86
N PHE D 77 -5.70 -4.19 13.62
CA PHE D 77 -5.65 -3.91 15.06
C PHE D 77 -4.81 -2.67 15.35
N ARG D 78 -5.09 -1.61 14.61
CA ARG D 78 -4.28 -0.40 14.65
C ARG D 78 -4.20 0.18 16.06
N ASP D 79 -2.96 0.36 16.54
CA ASP D 79 -2.59 0.92 17.84
C ASP D 79 -2.85 -0.02 19.00
N THR D 80 -3.31 -1.26 18.74
CA THR D 80 -3.41 -2.32 19.75
C THR D 80 -4.37 -1.98 20.90
N TYR D 81 -4.15 -0.85 21.56
CA TYR D 81 -4.92 -0.55 22.76
C TYR D 81 -6.44 -0.47 22.56
N PRO D 82 -6.98 0.08 21.46
CA PRO D 82 -8.44 0.22 21.39
C PRO D 82 -9.17 -1.11 21.39
N PHE D 83 -8.61 -2.13 20.74
CA PHE D 83 -9.26 -3.43 20.66
C PHE D 83 -9.13 -4.21 21.96
N GLU D 84 -8.11 -3.93 22.77
CA GLU D 84 -8.02 -4.54 24.09
C GLU D 84 -8.91 -3.80 25.09
N VAL D 85 -8.95 -2.47 25.01
CA VAL D 85 -9.87 -1.69 25.83
C VAL D 85 -11.31 -2.08 25.53
N LEU D 86 -11.61 -2.42 24.29
CA LEU D 86 -12.95 -2.87 23.92
C LEU D 86 -13.34 -4.13 24.67
N LYS D 87 -12.48 -5.16 24.65
CA LYS D 87 -12.83 -6.43 25.26
C LYS D 87 -12.84 -6.37 26.77
N GLN D 88 -11.97 -5.54 27.36
CA GLN D 88 -11.76 -5.57 28.81
C GLN D 88 -12.58 -4.53 29.56
N ARG D 89 -12.96 -3.42 28.93
CA ARG D 89 -13.70 -2.37 29.62
C ARG D 89 -15.02 -2.04 28.94
N VAL D 90 -15.03 -1.85 27.63
CA VAL D 90 -16.23 -1.36 26.96
C VAL D 90 -17.31 -2.43 26.93
N LEU D 91 -16.98 -3.62 26.45
CA LEU D 91 -17.99 -4.66 26.28
C LEU D 91 -18.64 -5.07 27.60
N PRO D 92 -17.90 -5.32 28.70
CA PRO D 92 -18.59 -5.63 29.96
C PRO D 92 -19.52 -4.52 30.42
N GLU D 93 -19.16 -3.26 30.18
CA GLU D 93 -20.02 -2.16 30.58
C GLU D 93 -21.28 -2.10 29.72
N LEU D 94 -21.14 -2.26 28.41
CA LEU D 94 -22.30 -2.20 27.52
C LEU D 94 -23.24 -3.37 27.75
N ILE D 95 -22.68 -4.56 28.01
CA ILE D 95 -23.51 -5.71 28.34
C ILE D 95 -24.32 -5.44 29.60
N LYS D 96 -23.66 -4.90 30.62
CA LYS D 96 -24.35 -4.57 31.87
C LYS D 96 -25.43 -3.51 31.64
N ALA D 97 -25.13 -2.50 30.83
CA ALA D 97 -26.07 -1.41 30.62
C ALA D 97 -27.26 -1.84 29.75
N ASN D 98 -27.08 -2.84 28.90
CA ASN D 98 -28.13 -3.28 27.99
C ASN D 98 -28.59 -4.70 28.24
N GLY D 99 -28.17 -5.31 29.35
CA GLY D 99 -28.63 -6.64 29.69
C GLY D 99 -28.13 -7.73 28.79
N GLY D 100 -26.95 -7.58 28.19
CA GLY D 100 -26.39 -8.60 27.32
C GLY D 100 -27.06 -8.74 25.98
N GLN D 101 -27.98 -7.85 25.62
CA GLN D 101 -28.70 -7.97 24.37
C GLN D 101 -27.82 -7.56 23.19
N ARG D 102 -28.41 -7.54 22.00
CA ARG D 102 -27.65 -7.32 20.76
C ARG D 102 -27.02 -5.94 20.74
N LEU D 103 -25.75 -5.87 20.35
CA LEU D 103 -25.01 -4.63 20.23
C LEU D 103 -24.72 -4.34 18.77
N ARG D 104 -24.57 -3.05 18.45
CA ARG D 104 -24.30 -2.59 17.10
C ARG D 104 -23.07 -1.71 17.11
N ILE D 105 -22.15 -1.95 16.16
CA ILE D 105 -20.91 -1.21 16.06
C ILE D 105 -20.84 -0.57 14.68
N TRP D 106 -20.46 0.70 14.63
CA TRP D 106 -20.28 1.44 13.39
C TRP D 106 -18.80 1.69 13.17
N SER D 107 -18.26 1.16 12.09
CA SER D 107 -16.90 1.45 11.66
C SER D 107 -16.97 2.48 10.55
N ALA D 108 -16.81 3.76 10.91
CA ALA D 108 -16.84 4.84 9.93
C ALA D 108 -15.48 4.99 9.28
N ALA D 109 -15.47 5.22 7.96
CA ALA D 109 -14.24 5.28 7.18
C ALA D 109 -13.44 3.98 7.33
N CYS D 110 -14.07 2.87 6.90
CA CYS D 110 -13.51 1.55 7.09
C CYS D 110 -12.31 1.26 6.19
N SER D 111 -12.09 2.06 5.16
CA SER D 111 -10.96 1.91 4.24
C SER D 111 -11.07 0.53 3.59
N SER D 112 -10.03 -0.30 3.63
CA SER D 112 -10.03 -1.59 2.96
C SER D 112 -10.57 -2.73 3.81
N GLY D 113 -11.20 -2.42 4.95
CA GLY D 113 -11.85 -3.42 5.76
C GLY D 113 -11.05 -3.94 6.94
N GLN D 114 -9.79 -3.52 7.09
CA GLN D 114 -8.97 -4.04 8.19
C GLN D 114 -9.60 -3.74 9.55
N GLU D 115 -10.14 -2.53 9.72
CA GLU D 115 -10.70 -2.17 11.03
C GLU D 115 -11.98 -2.94 11.36
N PRO D 116 -13.01 -2.98 10.49
CA PRO D 116 -14.22 -3.73 10.88
C PRO D 116 -13.96 -5.22 11.07
N TYR D 117 -13.07 -5.82 10.28
CA TYR D 117 -12.76 -7.22 10.49
C TYR D 117 -11.97 -7.42 11.79
N SER D 118 -11.11 -6.45 12.13
CA SER D 118 -10.43 -6.52 13.42
C SER D 118 -11.44 -6.43 14.56
N LEU D 119 -12.50 -5.64 14.38
CA LEU D 119 -13.57 -5.59 15.38
C LEU D 119 -14.26 -6.93 15.52
N SER D 120 -14.59 -7.56 14.39
CA SER D 120 -15.27 -8.86 14.42
C SER D 120 -14.40 -9.89 15.12
N MET D 121 -13.11 -9.94 14.78
CA MET D 121 -12.19 -10.85 15.47
C MET D 121 -12.16 -10.57 16.97
N ALA D 122 -12.09 -9.29 17.35
CA ALA D 122 -12.08 -8.95 18.77
C ALA D 122 -13.37 -9.34 19.46
N ILE D 123 -14.51 -9.26 18.76
CA ILE D 123 -15.76 -9.71 19.34
C ILE D 123 -15.72 -11.23 19.53
N ASP D 124 -15.15 -11.95 18.57
CA ASP D 124 -15.03 -13.40 18.71
C ASP D 124 -14.19 -13.78 19.92
N GLU D 125 -13.09 -13.06 20.13
CA GLU D 125 -12.21 -13.37 21.27
C GLU D 125 -12.92 -13.13 22.60
N PHE D 126 -13.65 -12.01 22.72
CA PHE D 126 -14.40 -11.75 23.94
C PHE D 126 -15.44 -12.84 24.20
N GLU D 127 -16.11 -13.29 23.14
CA GLU D 127 -17.15 -14.30 23.31
C GLU D 127 -16.60 -15.59 23.90
N LYS D 128 -15.45 -16.05 23.39
CA LYS D 128 -14.85 -17.30 23.86
C LYS D 128 -14.40 -17.21 25.32
N THR D 129 -13.89 -16.05 25.74
CA THR D 129 -13.48 -15.87 27.13
C THR D 129 -14.64 -15.53 28.05
N ASN D 130 -15.75 -15.03 27.49
CA ASN D 130 -16.92 -14.64 28.26
C ASN D 130 -18.15 -15.29 27.61
N LEU D 131 -18.26 -16.61 27.75
CA LEU D 131 -19.31 -17.35 27.08
C LEU D 131 -20.67 -17.01 27.70
N GLY D 132 -21.65 -16.74 26.84
CA GLY D 132 -23.00 -16.47 27.26
C GLY D 132 -23.30 -15.01 27.58
N GLN D 133 -22.27 -14.19 27.79
CA GLN D 133 -22.50 -12.80 28.17
C GLN D 133 -23.19 -12.03 27.05
N LEU D 134 -22.60 -12.05 25.85
CA LEU D 134 -23.29 -11.56 24.66
C LEU D 134 -24.38 -12.56 24.31
N LYS D 135 -25.64 -12.17 24.51
CA LYS D 135 -26.76 -13.08 24.31
C LYS D 135 -27.24 -13.15 22.87
N ALA D 136 -27.03 -12.11 22.06
CA ALA D 136 -27.49 -12.10 20.69
C ALA D 136 -26.43 -11.66 19.70
N GLY D 137 -25.16 -11.63 20.10
CA GLY D 137 -24.09 -11.28 19.19
C GLY D 137 -23.94 -9.77 18.99
N VAL D 138 -23.15 -9.42 17.98
CA VAL D 138 -22.83 -8.03 17.66
C VAL D 138 -22.93 -7.85 16.15
N GLN D 139 -23.55 -6.75 15.74
CA GLN D 139 -23.67 -6.38 14.33
C GLN D 139 -22.73 -5.21 14.06
N ILE D 140 -21.95 -5.31 12.98
CA ILE D 140 -20.96 -4.30 12.60
C ILE D 140 -21.36 -3.70 11.26
N VAL D 141 -21.44 -2.37 11.21
CA VAL D 141 -21.74 -1.64 9.98
C VAL D 141 -20.51 -0.84 9.61
N ALA D 142 -19.94 -1.13 8.44
CA ALA D 142 -18.73 -0.48 7.97
C ALA D 142 -19.07 0.39 6.75
N THR D 143 -18.70 1.67 6.82
CA THR D 143 -19.01 2.62 5.76
C THR D 143 -17.75 3.35 5.32
N ASP D 144 -17.75 3.79 4.08
CA ASP D 144 -16.69 4.60 3.49
C ASP D 144 -17.18 5.07 2.13
N LEU D 145 -16.37 5.90 1.50
CA LEU D 145 -16.75 6.44 0.23
C LEU D 145 -16.71 5.24 -0.68
N SER D 146 -17.90 4.70 -0.93
CA SER D 146 -18.02 3.53 -1.77
C SER D 146 -17.28 3.64 -3.09
N GLY D 147 -16.43 2.66 -3.32
CA GLY D 147 -15.62 2.60 -4.52
C GLY D 147 -14.72 1.41 -4.37
N SER D 148 -14.01 1.09 -5.45
CA SER D 148 -13.07 -0.01 -5.55
C SER D 148 -12.51 -0.39 -4.18
N MET D 149 -12.28 0.61 -3.32
CA MET D 149 -11.81 0.32 -1.97
C MET D 149 -12.90 -0.34 -1.14
N LEU D 150 -14.13 0.17 -1.23
CA LEU D 150 -15.24 -0.45 -0.52
C LEU D 150 -15.52 -1.85 -1.03
N THR D 151 -15.40 -2.05 -2.36
CA THR D 151 -15.66 -3.37 -2.93
C THR D 151 -14.65 -4.39 -2.45
N ALA D 152 -13.36 -4.00 -2.40
CA ALA D 152 -12.33 -4.91 -1.92
C ALA D 152 -12.48 -5.24 -0.44
N ALA D 153 -13.17 -4.38 0.32
CA ALA D 153 -13.30 -4.60 1.75
C ALA D 153 -14.22 -5.76 2.06
N LYS D 154 -15.38 -5.82 1.39
CA LYS D 154 -16.30 -6.94 1.61
C LYS D 154 -15.81 -8.22 0.95
N ALA D 155 -14.92 -8.11 -0.06
CA ALA D 155 -14.31 -9.30 -0.63
C ALA D 155 -13.53 -10.07 0.43
N GLY D 156 -12.94 -9.38 1.40
CA GLY D 156 -12.20 -10.02 2.46
C GLY D 156 -10.86 -10.61 2.06
N GLU D 157 -10.37 -10.25 0.88
CA GLU D 157 -9.09 -10.76 0.39
C GLU D 157 -8.00 -9.72 0.59
N TYR D 158 -6.82 -10.18 0.99
CA TYR D 158 -5.69 -9.30 1.25
C TYR D 158 -4.41 -9.98 0.77
N ASP D 159 -3.52 -9.21 0.16
CA ASP D 159 -2.30 -9.74 -0.40
C ASP D 159 -1.19 -9.73 0.66
N THR D 160 0.05 -9.99 0.24
CA THR D 160 1.14 -10.16 1.19
C THR D 160 1.43 -8.88 1.97
N LEU D 161 1.28 -7.72 1.33
CA LEU D 161 1.55 -6.47 2.03
C LEU D 161 0.46 -6.15 3.05
N ALA D 162 -0.80 -6.40 2.69
CA ALA D 162 -1.89 -6.08 3.61
C ALA D 162 -1.85 -6.95 4.86
N MET D 163 -1.39 -8.19 4.74
CA MET D 163 -1.23 -9.09 5.88
C MET D 163 0.12 -8.94 6.57
N GLY D 164 0.87 -7.89 6.24
CA GLY D 164 2.26 -7.83 6.67
C GLY D 164 2.42 -7.50 8.14
N ARG D 165 1.65 -6.55 8.65
CA ARG D 165 1.85 -6.03 10.00
C ARG D 165 0.55 -6.06 10.79
N GLY D 166 0.67 -6.37 12.09
CA GLY D 166 -0.44 -6.22 13.02
C GLY D 166 -1.19 -7.49 13.36
N LEU D 167 -0.87 -8.61 12.73
CA LEU D 167 -1.59 -9.87 12.94
C LEU D 167 -0.71 -10.84 13.70
N SER D 168 -1.12 -11.20 14.91
CA SER D 168 -0.42 -12.20 15.70
C SER D 168 -0.54 -13.57 15.03
N PRO D 169 0.37 -14.50 15.35
CA PRO D 169 0.25 -15.84 14.76
C PRO D 169 -1.04 -16.54 15.14
N GLU D 170 -1.51 -16.34 16.37
CA GLU D 170 -2.76 -16.97 16.80
C GLU D 170 -3.95 -16.40 16.04
N ARG D 171 -3.91 -15.11 15.68
CA ARG D 171 -5.03 -14.51 14.97
C ARG D 171 -5.01 -14.85 13.49
N LEU D 172 -3.82 -14.94 12.89
CA LEU D 172 -3.74 -15.31 11.48
C LEU D 172 -4.26 -16.73 11.24
N GLN D 173 -3.96 -17.64 12.17
CA GLN D 173 -4.36 -19.03 12.00
C GLN D 173 -5.83 -19.24 12.32
N ARG D 174 -6.37 -18.51 13.29
CA ARG D 174 -7.74 -18.74 13.74
C ARG D 174 -8.79 -18.02 12.90
N TYR D 175 -8.43 -16.91 12.27
CA TYR D 175 -9.42 -16.05 11.63
C TYR D 175 -9.20 -15.84 10.13
N PHE D 176 -8.19 -16.45 9.53
CA PHE D 176 -7.91 -16.25 8.12
C PHE D 176 -7.80 -17.60 7.41
N ASP D 177 -8.08 -17.58 6.11
CA ASP D 177 -7.94 -18.74 5.24
C ASP D 177 -6.80 -18.48 4.27
N ALA D 178 -5.81 -19.36 4.27
CA ALA D 178 -4.73 -19.27 3.30
C ALA D 178 -5.25 -19.67 1.93
N LYS D 179 -5.38 -18.69 1.03
CA LYS D 179 -5.83 -18.97 -0.32
C LYS D 179 -4.65 -19.38 -1.19
N GLY D 180 -4.50 -18.77 -2.36
CA GLY D 180 -3.39 -19.04 -3.23
C GLY D 180 -2.10 -18.44 -2.70
N PRO D 181 -1.08 -18.36 -3.55
CA PRO D 181 0.18 -17.73 -3.14
C PRO D 181 -0.01 -16.23 -2.91
N GLY D 182 0.38 -15.77 -1.72
CA GLY D 182 0.30 -14.36 -1.41
C GLY D 182 -1.10 -13.81 -1.34
N ARG D 183 -2.09 -14.65 -1.04
CA ARG D 183 -3.48 -14.22 -0.90
C ARG D 183 -4.07 -14.89 0.32
N TRP D 184 -4.73 -14.10 1.16
CA TRP D 184 -5.40 -14.59 2.35
C TRP D 184 -6.82 -14.03 2.39
N ALA D 185 -7.72 -14.78 3.03
CA ALA D 185 -9.12 -14.40 3.11
C ALA D 185 -9.59 -14.51 4.57
N VAL D 186 -10.31 -13.48 5.03
CA VAL D 186 -10.93 -13.56 6.34
C VAL D 186 -11.98 -14.66 6.33
N LYS D 187 -12.05 -15.41 7.43
CA LYS D 187 -12.98 -16.53 7.50
C LYS D 187 -14.42 -16.02 7.43
N PRO D 188 -15.32 -16.80 6.81
CA PRO D 188 -16.72 -16.34 6.71
C PRO D 188 -17.41 -16.14 8.05
N ALA D 189 -17.01 -16.88 9.09
CA ALA D 189 -17.59 -16.68 10.41
C ALA D 189 -17.26 -15.30 10.97
N ILE D 190 -16.12 -14.73 10.56
CA ILE D 190 -15.74 -13.39 10.96
C ILE D 190 -16.30 -12.36 9.99
N ARG D 191 -16.37 -12.70 8.70
CA ARG D 191 -16.90 -11.79 7.70
C ARG D 191 -18.39 -11.57 7.88
N SER D 192 -19.10 -12.54 8.47
CA SER D 192 -20.56 -12.44 8.58
C SER D 192 -20.98 -11.27 9.47
N ARG D 193 -20.19 -10.97 10.50
CA ARG D 193 -20.57 -9.91 11.44
C ARG D 193 -20.56 -8.53 10.82
N VAL D 194 -19.93 -8.37 9.65
CA VAL D 194 -19.72 -7.05 9.05
C VAL D 194 -20.69 -6.87 7.89
N GLU D 195 -21.30 -5.70 7.83
CA GLU D 195 -22.18 -5.30 6.73
C GLU D 195 -21.69 -3.97 6.19
N PHE D 196 -21.46 -3.90 4.88
CA PHE D 196 -20.87 -2.74 4.25
C PHE D 196 -21.93 -1.90 3.54
N ARG D 197 -21.81 -0.58 3.63
CA ARG D 197 -22.71 0.36 2.98
C ARG D 197 -21.92 1.56 2.48
N ALA D 198 -22.51 2.29 1.55
CA ALA D 198 -21.95 3.52 1.03
C ALA D 198 -22.50 4.70 1.84
N LEU D 199 -21.59 5.53 2.36
CA LEU D 199 -22.00 6.67 3.17
C LEU D 199 -20.89 7.70 3.19
N ASN D 200 -21.23 8.94 2.84
CA ASN D 200 -20.34 10.07 3.01
C ASN D 200 -20.50 10.63 4.41
N LEU D 201 -19.38 10.93 5.06
CA LEU D 201 -19.42 11.45 6.41
C LEU D 201 -20.06 12.83 6.49
N LEU D 202 -20.14 13.55 5.37
CA LEU D 202 -20.80 14.85 5.34
C LEU D 202 -22.30 14.74 5.10
N ASP D 203 -22.81 13.53 4.83
CA ASP D 203 -24.23 13.31 4.63
C ASP D 203 -24.90 13.01 5.96
N SER D 204 -26.21 12.79 5.92
CA SER D 204 -26.96 12.43 7.12
C SER D 204 -26.66 10.99 7.52
N TYR D 205 -26.81 10.71 8.82
CA TYR D 205 -26.62 9.37 9.36
C TYR D 205 -27.93 8.74 9.80
N ALA D 206 -29.07 9.35 9.47
CA ALA D 206 -30.35 8.85 9.96
C ALA D 206 -30.64 7.44 9.49
N SER D 207 -30.15 7.07 8.30
CA SER D 207 -30.39 5.73 7.77
C SER D 207 -29.53 4.66 8.43
N LEU D 208 -28.59 5.05 9.30
CA LEU D 208 -27.68 4.07 9.88
C LEU D 208 -28.26 3.40 11.12
N GLY D 209 -29.18 4.06 11.81
CA GLY D 209 -29.71 3.53 13.05
C GLY D 209 -28.91 3.97 14.25
N LYS D 210 -29.02 3.21 15.33
CA LYS D 210 -28.39 3.53 16.59
C LYS D 210 -27.28 2.53 16.90
N PHE D 211 -26.18 3.04 17.43
CA PHE D 211 -25.00 2.24 17.70
C PHE D 211 -24.63 2.35 19.18
N ASP D 212 -24.20 1.23 19.75
CA ASP D 212 -23.57 1.26 21.05
C ASP D 212 -22.11 1.68 20.97
N MET D 213 -21.50 1.62 19.78
CA MET D 213 -20.08 1.91 19.60
C MET D 213 -19.86 2.42 18.18
N VAL D 214 -19.05 3.47 18.04
CA VAL D 214 -18.67 4.01 16.75
C VAL D 214 -17.17 4.11 16.67
N PHE D 215 -16.59 3.54 15.62
CA PHE D 215 -15.17 3.71 15.31
C PHE D 215 -15.05 4.69 14.15
N CYS D 216 -14.41 5.84 14.41
CA CYS D 216 -14.24 6.89 13.40
C CYS D 216 -12.79 7.39 13.55
N ARG D 217 -11.85 6.61 13.01
CA ARG D 217 -10.44 6.81 13.28
C ARG D 217 -9.72 7.34 12.04
N ASN D 218 -8.90 8.38 12.25
CA ASN D 218 -7.97 8.88 11.24
C ASN D 218 -8.69 9.29 9.95
N VAL D 219 -9.81 10.00 10.10
CA VAL D 219 -10.53 10.54 8.95
C VAL D 219 -10.87 12.00 9.23
N LEU D 220 -11.07 12.34 10.52
CA LEU D 220 -11.41 13.71 10.88
C LEU D 220 -10.25 14.68 10.65
N ILE D 221 -9.02 14.16 10.52
CA ILE D 221 -7.86 15.02 10.31
C ILE D 221 -7.94 15.77 8.99
N TYR D 222 -8.70 15.26 8.03
CA TYR D 222 -8.75 15.87 6.70
C TYR D 222 -9.64 17.10 6.62
N PHE D 223 -10.49 17.34 7.61
CA PHE D 223 -11.52 18.36 7.51
C PHE D 223 -11.16 19.58 8.35
N SER D 224 -11.89 20.66 8.10
CA SER D 224 -11.77 21.86 8.91
C SER D 224 -12.33 21.60 10.30
N ALA D 225 -11.90 22.45 11.25
CA ALA D 225 -12.37 22.31 12.63
C ALA D 225 -13.89 22.42 12.71
N GLU D 226 -14.49 23.25 11.86
CA GLU D 226 -15.94 23.41 11.85
C GLU D 226 -16.63 22.15 11.34
N VAL D 227 -16.08 21.54 10.29
CA VAL D 227 -16.65 20.29 9.79
C VAL D 227 -16.40 19.16 10.77
N LYS D 228 -15.22 19.17 11.42
CA LYS D 228 -14.91 18.11 12.39
C LYS D 228 -15.87 18.14 13.57
N ARG D 229 -16.21 19.34 14.05
CA ARG D 229 -17.16 19.45 15.14
C ARG D 229 -18.55 18.98 14.71
N ASP D 230 -18.97 19.33 13.51
CA ASP D 230 -20.31 18.95 13.05
C ASP D 230 -20.42 17.45 12.86
N ILE D 231 -19.35 16.80 12.39
CA ILE D 231 -19.36 15.35 12.27
C ILE D 231 -19.43 14.70 13.64
N LEU D 232 -18.63 15.18 14.60
CA LEU D 232 -18.66 14.62 15.94
C LEU D 232 -20.00 14.84 16.63
N LEU D 233 -20.68 15.95 16.32
CA LEU D 233 -22.00 16.19 16.90
C LEU D 233 -23.04 15.27 16.28
N ARG D 234 -22.99 15.07 14.96
CA ARG D 234 -23.97 14.20 14.32
C ARG D 234 -23.71 12.73 14.64
N ILE D 235 -22.48 12.38 14.98
CA ILE D 235 -22.20 11.02 15.45
C ILE D 235 -22.87 10.79 16.80
N HIS D 236 -22.88 11.81 17.66
CA HIS D 236 -23.58 11.73 18.92
C HIS D 236 -25.06 11.42 18.73
N GLY D 237 -25.64 11.88 17.63
CA GLY D 237 -27.04 11.59 17.37
C GLY D 237 -27.31 10.13 17.07
N THR D 238 -26.31 9.41 16.56
CA THR D 238 -26.45 8.00 16.27
C THR D 238 -26.09 7.10 17.44
N LEU D 239 -25.46 7.64 18.48
CA LEU D 239 -25.02 6.83 19.60
C LEU D 239 -26.15 6.63 20.59
N LYS D 240 -26.37 5.38 21.00
CA LYS D 240 -27.24 5.12 22.13
C LYS D 240 -26.67 5.79 23.36
N PRO D 241 -27.50 6.17 24.33
CA PRO D 241 -26.99 6.80 25.55
C PRO D 241 -25.98 5.90 26.24
N GLY D 242 -24.81 6.47 26.53
CA GLY D 242 -23.71 5.70 27.07
C GLY D 242 -22.85 5.00 26.05
N GLY D 243 -23.19 5.12 24.76
CA GLY D 243 -22.36 4.53 23.73
C GLY D 243 -20.98 5.13 23.67
N TYR D 244 -20.06 4.40 23.02
CA TYR D 244 -18.65 4.74 23.02
C TYR D 244 -18.20 5.14 21.62
N LEU D 245 -17.29 6.11 21.56
CA LEU D 245 -16.73 6.61 20.31
C LEU D 245 -15.22 6.45 20.37
N PHE D 246 -14.66 5.83 19.32
CA PHE D 246 -13.22 5.60 19.22
C PHE D 246 -12.67 6.47 18.10
N LEU D 247 -11.72 7.34 18.44
CA LEU D 247 -11.05 8.18 17.45
C LEU D 247 -9.64 7.62 17.18
N GLY D 248 -8.91 8.33 16.32
CA GLY D 248 -7.51 8.00 16.11
C GLY D 248 -6.70 8.28 17.37
N ALA D 249 -5.60 7.53 17.51
CA ALA D 249 -4.79 7.63 18.73
C ALA D 249 -4.21 9.02 18.93
N SER D 250 -4.06 9.81 17.87
CA SER D 250 -3.50 11.15 17.96
C SER D 250 -4.53 12.24 17.69
N GLU D 251 -5.82 11.89 17.66
CA GLU D 251 -6.88 12.85 17.38
C GLU D 251 -7.56 13.28 18.67
N ALA D 252 -7.91 14.56 18.75
CA ALA D 252 -8.55 15.13 19.93
C ALA D 252 -10.03 15.36 19.68
N LEU D 253 -10.78 15.47 20.78
CA LEU D 253 -12.21 15.77 20.74
C LEU D 253 -12.47 16.99 21.62
N ASN D 254 -11.96 18.14 21.18
CA ASN D 254 -12.16 19.39 21.87
C ASN D 254 -13.56 19.94 21.58
N ASN D 255 -13.96 20.94 22.38
CA ASN D 255 -15.07 21.84 22.05
C ASN D 255 -16.43 21.15 22.04
N LEU D 256 -16.55 20.02 22.73
CA LEU D 256 -17.89 19.44 22.80
C LEU D 256 -18.14 18.87 24.20
N PRO D 257 -18.22 19.72 25.23
CA PRO D 257 -18.27 19.23 26.61
C PRO D 257 -19.62 18.64 27.03
N ASP D 258 -20.71 19.12 26.43
CA ASP D 258 -22.04 18.63 26.78
C ASP D 258 -22.39 17.31 26.09
N HIS D 259 -21.50 16.77 25.26
CA HIS D 259 -21.82 15.60 24.44
C HIS D 259 -20.91 14.40 24.69
N TYR D 260 -19.64 14.61 25.04
CA TYR D 260 -18.70 13.51 25.13
C TYR D 260 -17.92 13.57 26.43
N GLN D 261 -17.82 12.43 27.11
CA GLN D 261 -17.08 12.28 28.36
C GLN D 261 -15.80 11.52 28.06
N MET D 262 -14.66 12.14 28.36
CA MET D 262 -13.37 11.49 28.11
C MET D 262 -13.17 10.35 29.09
N VAL D 263 -12.71 9.20 28.58
CA VAL D 263 -12.46 8.01 29.38
C VAL D 263 -11.03 7.58 29.10
N GLN D 264 -10.12 7.90 30.02
CA GLN D 264 -8.75 7.44 29.92
C GLN D 264 -8.66 5.97 30.30
N CYS D 265 -7.89 5.20 29.52
CA CYS D 265 -7.88 3.75 29.67
C CYS D 265 -6.53 3.15 30.04
N SER D 266 -5.44 3.87 29.82
CA SER D 266 -4.08 3.40 30.12
C SER D 266 -3.79 2.09 29.39
N PRO D 267 -3.35 2.15 28.13
CA PRO D 267 -3.12 3.40 27.39
C PRO D 267 -4.29 3.78 26.49
N GLY D 268 -4.35 5.05 26.11
CA GLY D 268 -5.33 5.53 25.15
C GLY D 268 -6.50 6.23 25.80
N ILE D 269 -7.29 6.89 24.95
CA ILE D 269 -8.44 7.69 25.36
C ILE D 269 -9.62 7.35 24.48
N ILE D 270 -10.77 7.05 25.08
CA ILE D 270 -12.02 6.87 24.38
C ILE D 270 -13.03 7.85 24.94
N TYR D 271 -14.18 7.95 24.27
CA TYR D 271 -15.19 8.94 24.59
C TYR D 271 -16.55 8.28 24.72
N ARG D 272 -17.27 8.63 25.78
CA ARG D 272 -18.60 8.11 26.05
C ARG D 272 -19.64 9.18 25.74
N ALA D 273 -20.71 8.79 25.06
CA ALA D 273 -21.79 9.72 24.76
C ALA D 273 -22.57 10.03 26.03
N LYS D 274 -22.57 11.30 26.43
CA LYS D 274 -23.30 11.73 27.62
C LYS D 274 -24.78 11.93 27.32
N SAH E . 22.66 -18.30 9.65
CA SAH E . 23.67 -19.07 8.91
CB SAH E . 23.79 -18.56 7.48
CG SAH E . 24.14 -17.08 7.36
SD SAH E . 24.49 -16.60 5.65
C SAH E . 25.01 -19.00 9.61
O SAH E . 25.16 -18.31 10.63
OXT SAH E . 25.98 -19.65 9.20
C5' SAH E . 23.18 -15.34 5.70
C4' SAH E . 21.92 -15.79 4.95
O4' SAH E . 20.90 -14.82 5.04
C3' SAH E . 22.18 -16.02 3.47
O3' SAH E . 22.10 -17.40 3.18
C2' SAH E . 21.06 -15.29 2.76
O2' SAH E . 20.43 -16.11 1.81
C1' SAH E . 20.10 -14.93 3.88
N9 SAH E . 19.32 -13.72 3.59
C8 SAH E . 19.80 -12.54 3.09
N7 SAH E . 18.76 -11.68 2.95
C5 SAH E . 17.63 -12.30 3.36
C6 SAH E . 16.31 -11.88 3.43
N6 SAH E . 15.96 -10.65 3.06
N1 SAH E . 15.34 -12.75 3.89
C2 SAH E . 15.69 -14.02 4.29
N3 SAH E . 17.02 -14.42 4.22
C4 SAH E . 17.97 -13.58 3.76
N SAH F . 11.99 0.10 -7.60
CA SAH F . 10.56 0.18 -7.32
CB SAH F . 10.19 -0.71 -6.13
CG SAH F . 10.81 -0.30 -4.80
SD SAH F . 10.04 -1.16 -3.40
C SAH F . 10.15 1.62 -7.04
O SAH F . 11.00 2.50 -6.91
OXT SAH F . 8.96 1.93 -6.95
C5' SAH F . 11.62 -1.88 -2.88
C4' SAH F . 11.82 -3.31 -3.35
O4' SAH F . 13.12 -3.78 -3.06
C3' SAH F . 10.85 -4.29 -2.69
O3' SAH F . 9.98 -4.80 -3.67
C2' SAH F . 11.72 -5.41 -2.17
O2' SAH F . 11.19 -6.67 -2.49
C1' SAH F . 13.05 -5.18 -2.88
N9 SAH F . 14.19 -5.74 -2.13
C8 SAH F . 14.42 -5.65 -0.78
N7 SAH F . 15.57 -6.30 -0.50
C5 SAH F . 16.07 -6.80 -1.64
C6 SAH F . 17.21 -7.55 -1.93
N6 SAH F . 18.05 -7.89 -0.95
N1 SAH F . 17.47 -7.93 -3.23
C2 SAH F . 16.60 -7.58 -4.24
N3 SAH F . 15.47 -6.83 -3.96
C4 SAH F . 15.21 -6.46 -2.68
N SAH G . -19.87 22.56 -6.90
CA SAH G . -21.30 22.59 -6.63
CB SAH G . -21.67 21.62 -5.51
CG SAH G . -21.01 21.90 -4.17
SD SAH G . -21.77 20.95 -2.82
C SAH G . -21.76 23.99 -6.28
O SAH G . -20.94 24.90 -6.13
OXT SAH G . -22.95 24.25 -6.13
C5' SAH G . -20.17 20.25 -2.35
C4' SAH G . -20.00 18.82 -2.85
O4' SAH G . -18.68 18.37 -2.63
C3' SAH G . -20.92 17.84 -2.14
O3' SAH G . -21.88 17.35 -3.03
C2' SAH G . -20.02 16.71 -1.70
O2' SAH G . -20.57 15.47 -2.08
C1' SAH G . -18.73 16.97 -2.44
N9 SAH G . -17.55 16.47 -1.71
C8 SAH G . -17.30 16.58 -0.37
N7 SAH G . -16.11 15.97 -0.10
C5 SAH G . -15.61 15.46 -1.25
C6 SAH G . -14.45 14.76 -1.54
N6 SAH G . -13.58 14.46 -0.59
N1 SAH G . -14.20 14.37 -2.85
C2 SAH G . -15.10 14.68 -3.84
N3 SAH G . -16.26 15.38 -3.55
C4 SAH G . -16.51 15.77 -2.27
N SAH H . -10.49 4.30 10.01
CA SAH H . -9.44 3.48 9.40
CB SAH H . -9.06 4.04 8.04
CG SAH H . -8.59 5.49 8.06
SD SAH H . -7.91 6.00 6.46
C SAH H . -8.21 3.41 10.29
O SAH H . -8.06 4.17 11.24
OXT SAH H . -7.34 2.57 10.09
C5' SAH H . -9.21 7.26 6.29
C4' SAH H . -10.32 6.81 5.35
O4' SAH H . -11.42 7.69 5.44
C3' SAH H . -9.89 6.80 3.89
O3' SAH H . -9.70 5.48 3.45
C2' SAH H . -11.04 7.45 3.14
O2' SAH H . -11.53 6.58 2.15
C1' SAH H . -12.10 7.69 4.19
N9 SAH H . -12.83 8.95 3.97
C8 SAH H . -12.29 10.17 3.65
N7 SAH H . -13.29 11.07 3.51
C5 SAH H . -14.47 10.44 3.76
C6 SAH H . -15.78 10.89 3.77
N6 SAH H . -16.06 12.16 3.50
N1 SAH H . -16.80 10.00 4.05
C2 SAH H . -16.50 8.68 4.34
N3 SAH H . -15.20 8.25 4.34
C4 SAH H . -14.19 9.11 4.05
#